data_7KNX
#
_entry.id   7KNX
#
_cell.length_a   61.127
_cell.length_b   81.880
_cell.length_c   81.882
_cell.angle_alpha   83.770
_cell.angle_beta   70.890
_cell.angle_gamma   70.910
#
_symmetry.space_group_name_H-M   'P 1'
#
loop_
_entity.id
_entity.type
_entity.pdbx_description
1 polymer 'Staphylococcal nuclease domain-containing protein 1'
2 non-polymer TYROSINE
3 non-polymer 5-chloro-2-methoxy-N-(2-methyl[1,2,4]triazolo[1,5-a]pyridin-8-yl)benzene-1-sulfonamide
4 non-polymer GLYCEROL
5 water water
#
_entity_poly.entity_id   1
_entity_poly.type   'polypeptide(L)'
_entity_poly.pdbx_seq_one_letter_code
;MGSSHHHHHHSSGENLYFQGVPTVQRGIIKMVLSGCAIIVRGQPRGGPPPERQINLSNIRAGNLARRAAKDTPDEPWAFP
AREFLRKKLIGKEVCFTIENKTPQGREYGMIYLGKDTNGENIAESLVAEGLATRREGMRANNPEQNRLSECEEQAKAAKK
GMWSEGNGSHTIRDLKYTIENPRHFVDSHHQKPVNAIIEHVRDGSVVRALLLPDYYLVTVMLSGIKCPTFRRETPEPFAA
EAKFFTESRLLQRDVQIILESCHNQNILGTILHPNGNITELLLKEGFARCVDWSIAVYTRGAEKLRAAERFAKERRLRIW
RDYV
;
_entity_poly.pdbx_strand_id   A,B,C,D
#
# COMPACT_ATOMS: atom_id res chain seq x y z
N THR A 23 21.69 -16.96 9.32
CA THR A 23 20.67 -16.18 10.09
C THR A 23 20.44 -14.79 9.46
N VAL A 24 19.39 -14.65 8.65
CA VAL A 24 19.20 -13.41 7.86
C VAL A 24 18.80 -12.23 8.77
N GLN A 25 19.70 -11.26 8.88
CA GLN A 25 19.44 -10.01 9.64
C GLN A 25 19.04 -8.87 8.71
N ARG A 26 18.66 -7.73 9.28
CA ARG A 26 18.08 -6.61 8.52
C ARG A 26 18.53 -5.28 9.08
N GLY A 27 18.53 -4.26 8.23
CA GLY A 27 18.90 -2.90 8.62
C GLY A 27 18.72 -1.86 7.53
N ILE A 28 19.16 -0.65 7.84
CA ILE A 28 19.33 0.44 6.88
C ILE A 28 20.84 0.68 6.68
N ILE A 29 21.23 1.10 5.48
CA ILE A 29 22.61 1.56 5.25
C ILE A 29 22.77 2.93 5.90
N LYS A 30 23.70 3.02 6.86
CA LYS A 30 24.08 4.30 7.45
C LYS A 30 25.12 4.94 6.54
N MET A 31 26.18 4.17 6.26
CA MET A 31 27.23 4.60 5.37
C MET A 31 27.99 3.44 4.77
N VAL A 32 28.82 3.81 3.77
CA VAL A 32 29.77 2.95 3.07
C VAL A 32 31.16 3.55 3.28
N LEU A 33 32.13 2.70 3.64
CA LEU A 33 33.47 3.15 4.04
C LEU A 33 34.54 2.92 2.96
N SER A 34 35.77 3.26 3.34
CA SER A 34 36.98 2.77 2.68
C SER A 34 36.95 1.25 2.50
N GLY A 35 37.19 0.79 1.27
CA GLY A 35 37.21 -0.64 0.94
C GLY A 35 35.82 -1.25 0.82
N CYS A 36 34.80 -0.40 0.85
CA CYS A 36 33.42 -0.86 0.78
C CYS A 36 32.96 -1.82 1.91
N ALA A 37 33.64 -1.78 3.06
CA ALA A 37 33.01 -2.20 4.29
C ALA A 37 31.85 -1.22 4.49
N ILE A 38 30.70 -1.73 4.91
CA ILE A 38 29.48 -0.92 4.99
C ILE A 38 29.08 -0.85 6.46
N ILE A 39 28.68 0.33 6.92
CA ILE A 39 28.07 0.48 8.24
C ILE A 39 26.53 0.39 8.07
N VAL A 40 25.93 -0.56 8.78
CA VAL A 40 24.49 -0.81 8.77
C VAL A 40 23.95 -0.48 10.15
N ARG A 41 22.80 0.18 10.20
CA ARG A 41 22.14 0.51 11.47
C ARG A 41 20.71 -0.02 11.53
N GLY A 42 20.21 -0.16 12.75
CA GLY A 42 18.82 -0.49 12.97
C GLY A 42 18.05 0.79 13.23
N GLN A 43 16.94 0.60 13.96
CA GLN A 43 16.11 1.69 14.48
C GLN A 43 16.41 1.87 15.98
N PRO A 44 16.33 3.13 16.46
CA PRO A 44 16.62 3.37 17.86
C PRO A 44 15.50 2.91 18.79
N ARG A 45 15.88 2.49 19.99
CA ARG A 45 14.94 2.16 21.06
C ARG A 45 15.51 2.65 22.40
N GLY A 46 15.32 3.92 22.70
CA GLY A 46 15.93 4.56 23.87
C GLY A 46 17.44 4.72 23.71
N GLY A 47 17.82 5.78 23.00
CA GLY A 47 19.21 6.03 22.57
C GLY A 47 19.36 5.90 21.05
N PRO A 48 20.51 6.36 20.49
CA PRO A 48 20.67 6.22 19.04
C PRO A 48 20.77 4.75 18.60
N PRO A 49 20.50 4.48 17.30
CA PRO A 49 20.44 3.08 16.79
C PRO A 49 21.71 2.23 17.00
N PRO A 50 21.55 0.88 17.08
CA PRO A 50 22.71 0.00 17.11
C PRO A 50 23.41 -0.09 15.73
N GLU A 51 24.71 0.22 15.67
CA GLU A 51 25.49 0.19 14.42
C GLU A 51 26.35 -1.06 14.31
N ARG A 52 26.40 -1.62 13.11
CA ARG A 52 27.26 -2.75 12.79
C ARG A 52 28.08 -2.39 11.54
N GLN A 53 29.36 -2.76 11.52
CA GLN A 53 30.25 -2.50 10.36
C GLN A 53 30.54 -3.82 9.70
N ILE A 54 29.91 -4.08 8.56
CA ILE A 54 30.12 -5.33 7.82
C ILE A 54 31.20 -5.11 6.75
N ASN A 55 32.22 -5.95 6.77
CA ASN A 55 33.25 -5.97 5.72
C ASN A 55 32.86 -7.05 4.71
N LEU A 56 32.79 -6.70 3.43
CA LEU A 56 32.25 -7.64 2.43
C LEU A 56 33.13 -8.86 2.28
N SER A 57 32.56 -10.03 2.51
CA SER A 57 33.28 -11.29 2.40
C SER A 57 33.69 -11.54 0.96
N ASN A 58 34.81 -12.25 0.81
CA ASN A 58 35.29 -12.77 -0.49
C ASN A 58 35.71 -11.70 -1.51
N ILE A 59 35.70 -10.41 -1.15
CA ILE A 59 36.09 -9.37 -2.11
C ILE A 59 37.08 -8.32 -1.58
N ARG A 60 37.68 -7.58 -2.50
CA ARG A 60 38.68 -6.58 -2.16
C ARG A 60 38.53 -5.32 -3.00
N ALA A 61 38.33 -4.20 -2.31
CA ALA A 61 38.28 -2.89 -2.91
C ALA A 61 39.43 -2.04 -2.35
N GLY A 62 39.76 -0.97 -3.07
CA GLY A 62 40.82 -0.09 -2.64
C GLY A 62 40.53 0.68 -1.36
N ASN A 63 41.61 1.04 -0.66
CA ASN A 63 41.53 2.00 0.43
C ASN A 63 41.42 3.41 -0.14
N LEU A 64 40.57 4.23 0.47
CA LEU A 64 40.47 5.63 0.14
C LEU A 64 41.65 6.38 0.76
N ALA A 65 41.78 7.65 0.39
CA ALA A 65 42.78 8.54 0.97
C ALA A 65 42.62 8.65 2.48
N ARG A 66 43.72 8.96 3.16
CA ARG A 66 43.74 9.12 4.61
C ARG A 66 45.00 9.76 5.10
N ARG A 67 44.94 10.29 6.31
CA ARG A 67 46.01 11.03 6.92
C ARG A 67 46.46 10.38 8.21
N ALA A 68 47.76 10.45 8.50
CA ALA A 68 48.30 10.12 9.81
C ALA A 68 49.69 10.79 10.01
N ALA A 69 50.79 10.04 9.87
CA ALA A 69 52.12 10.63 9.96
C ALA A 69 52.32 11.46 8.72
N LYS A 70 51.96 10.87 7.58
CA LYS A 70 51.84 11.62 6.33
C LYS A 70 50.46 11.47 5.70
N ASP A 71 50.20 12.27 4.66
CA ASP A 71 49.02 12.07 3.77
C ASP A 71 49.33 10.87 2.85
N THR A 72 48.35 9.99 2.68
CA THR A 72 48.44 8.91 1.70
C THR A 72 47.20 8.98 0.80
N PRO A 73 47.40 8.86 -0.53
CA PRO A 73 46.32 9.16 -1.49
C PRO A 73 45.38 8.00 -1.70
N ASP A 74 44.28 8.25 -2.42
CA ASP A 74 43.42 7.18 -2.95
C ASP A 74 44.26 6.16 -3.75
N GLU A 75 43.96 4.88 -3.58
CA GLU A 75 44.44 3.87 -4.51
C GLU A 75 43.63 4.01 -5.80
N PRO A 76 44.09 3.36 -6.89
CA PRO A 76 43.22 3.28 -8.07
C PRO A 76 41.86 2.68 -7.73
N TRP A 77 40.81 3.25 -8.29
CA TRP A 77 39.45 2.67 -8.26
C TRP A 77 38.75 2.58 -6.88
N ALA A 78 39.30 3.21 -5.84
CA ALA A 78 38.69 3.10 -4.50
C ALA A 78 37.53 4.07 -4.34
N PHE A 79 37.71 5.32 -4.78
CA PHE A 79 36.64 6.32 -4.74
C PHE A 79 35.49 5.94 -5.64
N PRO A 80 35.76 5.57 -6.91
CA PRO A 80 34.64 5.14 -7.77
C PRO A 80 33.88 3.91 -7.23
N ALA A 81 34.55 3.05 -6.45
CA ALA A 81 33.87 1.92 -5.81
C ALA A 81 32.96 2.41 -4.67
N ARG A 82 33.51 3.26 -3.81
CA ARG A 82 32.76 3.89 -2.70
C ARG A 82 31.56 4.63 -3.24
N GLU A 83 31.75 5.42 -4.29
CA GLU A 83 30.65 6.19 -4.89
C GLU A 83 29.58 5.30 -5.52
N PHE A 84 29.98 4.16 -6.09
CA PHE A 84 29.04 3.24 -6.72
C PHE A 84 28.03 2.70 -5.72
N LEU A 85 28.53 2.13 -4.62
CA LEU A 85 27.66 1.65 -3.55
C LEU A 85 26.96 2.78 -2.80
N ARG A 86 27.57 3.97 -2.72
CA ARG A 86 26.92 5.12 -2.06
C ARG A 86 25.67 5.65 -2.79
N LYS A 87 25.76 5.98 -4.09
CA LYS A 87 24.58 6.39 -4.87
C LYS A 87 23.49 5.34 -4.80
N LYS A 88 23.92 4.09 -4.87
CA LYS A 88 23.06 2.93 -4.96
C LYS A 88 22.39 2.55 -3.64
N LEU A 89 23.14 2.57 -2.53
CA LEU A 89 22.67 1.95 -1.28
C LEU A 89 22.18 2.90 -0.17
N ILE A 90 22.76 4.11 -0.06
CA ILE A 90 22.51 4.97 1.11
C ILE A 90 21.00 5.14 1.33
N GLY A 91 20.57 4.98 2.58
CA GLY A 91 19.16 5.13 2.91
C GLY A 91 18.28 3.93 2.66
N LYS A 92 18.70 3.01 1.78
CA LYS A 92 17.87 1.86 1.41
C LYS A 92 17.87 0.84 2.53
N GLU A 93 16.93 -0.11 2.46
CA GLU A 93 16.80 -1.16 3.45
C GLU A 93 17.45 -2.44 2.90
N VAL A 94 18.48 -2.91 3.59
CA VAL A 94 19.22 -4.11 3.19
C VAL A 94 18.96 -5.27 4.14
N CYS A 95 19.37 -6.46 3.74
CA CYS A 95 19.52 -7.57 4.67
C CYS A 95 20.94 -8.12 4.52
N PHE A 96 21.46 -8.70 5.60
CA PHE A 96 22.85 -9.20 5.63
C PHE A 96 23.01 -10.53 6.37
N THR A 97 24.18 -11.16 6.16
CA THR A 97 24.53 -12.44 6.82
C THR A 97 26.03 -12.52 7.14
N ILE A 98 26.35 -12.75 8.41
CA ILE A 98 27.71 -12.68 8.96
C ILE A 98 28.40 -14.04 8.86
N GLU A 99 29.26 -14.22 7.86
CA GLU A 99 29.98 -15.49 7.64
C GLU A 99 31.07 -15.80 8.67
N ASN A 100 31.67 -14.77 9.27
CA ASN A 100 32.74 -14.98 10.26
C ASN A 100 32.93 -13.75 11.15
N LYS A 101 33.53 -13.97 12.32
CA LYS A 101 33.89 -12.91 13.24
C LYS A 101 35.34 -13.16 13.68
N THR A 102 36.25 -12.25 13.31
CA THR A 102 37.69 -12.45 13.54
C THR A 102 38.11 -12.04 14.96
N PRO A 103 39.32 -12.47 15.39
CA PRO A 103 39.86 -12.03 16.68
C PRO A 103 40.19 -10.53 16.78
N GLN A 104 40.40 -9.86 15.63
CA GLN A 104 40.58 -8.39 15.58
C GLN A 104 39.33 -7.55 15.90
N GLY A 105 38.14 -8.18 15.96
CA GLY A 105 36.86 -7.52 16.32
C GLY A 105 36.04 -7.02 15.13
N ARG A 106 36.16 -7.73 14.00
CA ARG A 106 35.60 -7.34 12.71
C ARG A 106 34.65 -8.42 12.23
N GLU A 107 33.61 -8.00 11.53
CA GLU A 107 32.62 -8.92 10.98
C GLU A 107 32.68 -8.92 9.46
N TYR A 108 32.75 -10.13 8.89
CA TYR A 108 32.67 -10.31 7.45
C TYR A 108 31.35 -10.94 7.06
N GLY A 109 30.81 -10.51 5.93
CA GLY A 109 29.52 -10.99 5.46
C GLY A 109 29.09 -10.44 4.11
N MET A 110 27.88 -10.82 3.71
CA MET A 110 27.33 -10.41 2.44
C MET A 110 26.08 -9.58 2.69
N ILE A 111 25.95 -8.48 1.97
CA ILE A 111 24.74 -7.66 1.99
C ILE A 111 23.93 -7.85 0.70
N TYR A 112 22.62 -7.89 0.86
CA TYR A 112 21.68 -7.97 -0.25
C TYR A 112 20.76 -6.76 -0.15
N LEU A 113 20.66 -6.01 -1.24
CA LEU A 113 19.84 -4.80 -1.30
C LEU A 113 18.41 -5.25 -1.54
N GLY A 114 17.69 -5.47 -0.45
CA GLY A 114 16.31 -5.92 -0.50
C GLY A 114 15.81 -6.40 0.86
N LYS A 115 14.87 -7.35 0.83
CA LYS A 115 14.31 -7.98 2.04
C LYS A 115 14.62 -9.48 2.15
N ASP A 116 15.53 -10.00 1.32
CA ASP A 116 15.89 -11.42 1.36
C ASP A 116 17.26 -11.76 0.76
N THR A 117 17.77 -12.93 1.16
CA THR A 117 19.11 -13.40 0.79
C THR A 117 19.24 -13.87 -0.68
N ASN A 118 18.21 -13.62 -1.49
CA ASN A 118 18.23 -13.91 -2.93
C ASN A 118 18.03 -12.66 -3.82
N GLY A 119 17.96 -11.47 -3.21
CA GLY A 119 17.91 -10.22 -3.98
C GLY A 119 19.28 -9.88 -4.57
N GLU A 120 19.60 -8.58 -4.61
CA GLU A 120 20.83 -8.08 -5.26
C GLU A 120 22.10 -8.04 -4.34
N ASN A 121 22.88 -9.12 -4.40
CA ASN A 121 24.17 -9.21 -3.68
C ASN A 121 25.07 -8.07 -4.11
N ILE A 122 25.35 -7.14 -3.21
CA ILE A 122 26.09 -5.91 -3.56
C ILE A 122 27.54 -6.16 -4.00
N ALA A 123 28.14 -7.25 -3.54
CA ALA A 123 29.49 -7.62 -3.92
C ALA A 123 29.54 -8.03 -5.38
N GLU A 124 28.47 -8.64 -5.87
CA GLU A 124 28.39 -9.03 -7.27
C GLU A 124 28.27 -7.79 -8.19
N SER A 125 27.59 -6.76 -7.71
CA SER A 125 27.56 -5.47 -8.41
C SER A 125 28.95 -4.84 -8.56
N LEU A 126 29.73 -4.84 -7.47
CA LEU A 126 31.09 -4.26 -7.46
C LEU A 126 32.05 -4.90 -8.45
N VAL A 127 32.08 -6.22 -8.41
CA VAL A 127 33.03 -6.99 -9.21
C VAL A 127 32.65 -6.99 -10.70
N ALA A 128 31.36 -6.85 -11.01
CA ALA A 128 30.92 -6.73 -12.41
C ALA A 128 31.23 -5.34 -12.98
N GLU A 129 31.21 -4.31 -12.13
CA GLU A 129 31.67 -2.97 -12.56
C GLU A 129 33.20 -2.87 -12.65
N GLY A 130 33.91 -3.89 -12.16
CA GLY A 130 35.34 -3.86 -12.03
C GLY A 130 35.80 -2.96 -10.92
N LEU A 131 34.91 -2.67 -9.97
CA LEU A 131 35.24 -1.78 -8.87
C LEU A 131 35.72 -2.56 -7.64
N ALA A 132 35.73 -3.89 -7.75
CA ALA A 132 36.39 -4.76 -6.77
C ALA A 132 36.88 -6.07 -7.42
N THR A 133 37.49 -6.93 -6.60
CA THR A 133 38.00 -8.24 -7.03
C THR A 133 37.84 -9.30 -5.95
N ARG A 134 38.03 -10.56 -6.36
CA ARG A 134 37.98 -11.70 -5.43
C ARG A 134 39.23 -11.70 -4.59
N ARG A 135 39.12 -12.12 -3.33
CA ARG A 135 40.29 -12.20 -2.45
C ARG A 135 41.25 -13.30 -2.92
N ASN A 141 35.09 -25.09 -4.53
CA ASN A 141 34.19 -24.17 -5.22
C ASN A 141 32.73 -24.41 -4.85
N ASN A 142 31.89 -23.43 -5.17
CA ASN A 142 30.53 -23.35 -4.64
C ASN A 142 29.69 -22.29 -5.39
N PRO A 143 28.33 -22.36 -5.30
CA PRO A 143 27.46 -21.41 -6.03
C PRO A 143 27.78 -19.94 -5.82
N GLU A 144 27.98 -19.53 -4.56
CA GLU A 144 28.31 -18.15 -4.21
C GLU A 144 29.62 -17.71 -4.88
N GLN A 145 30.61 -18.59 -4.83
CA GLN A 145 31.93 -18.31 -5.40
C GLN A 145 31.91 -18.37 -6.93
N ASN A 146 31.11 -19.27 -7.49
CA ASN A 146 30.86 -19.31 -8.92
C ASN A 146 30.24 -18.00 -9.45
N ARG A 147 29.22 -17.48 -8.78
CA ARG A 147 28.57 -16.21 -9.19
C ARG A 147 29.55 -15.03 -9.25
N LEU A 148 30.41 -14.91 -8.23
CA LEU A 148 31.47 -13.89 -8.23
C LEU A 148 32.46 -14.03 -9.40
N SER A 149 32.78 -15.26 -9.77
CA SER A 149 33.66 -15.49 -10.90
C SER A 149 33.00 -15.01 -12.19
N GLU A 150 31.76 -15.45 -12.42
CA GLU A 150 30.97 -15.05 -13.60
C GLU A 150 30.90 -13.52 -13.74
N CYS A 151 30.84 -12.82 -12.61
CA CYS A 151 30.88 -11.35 -12.62
C CYS A 151 32.26 -10.81 -13.01
N GLU A 152 33.32 -11.38 -12.44
CA GLU A 152 34.68 -10.91 -12.70
C GLU A 152 35.12 -11.17 -14.15
N GLU A 153 34.71 -12.30 -14.73
CA GLU A 153 35.03 -12.62 -16.13
C GLU A 153 34.34 -11.64 -17.09
N GLN A 154 33.08 -11.31 -16.78
CA GLN A 154 32.29 -10.37 -17.57
C GLN A 154 32.92 -8.97 -17.56
N ALA A 155 33.18 -8.47 -16.36
CA ALA A 155 33.85 -7.17 -16.14
C ALA A 155 35.17 -7.07 -16.89
N LYS A 156 35.99 -8.11 -16.77
CA LYS A 156 37.29 -8.18 -17.45
C LYS A 156 37.13 -8.27 -18.98
N ALA A 157 36.13 -9.04 -19.44
CA ALA A 157 35.83 -9.17 -20.89
C ALA A 157 34.98 -8.02 -21.47
N ALA A 158 34.66 -7.00 -20.67
CA ALA A 158 34.06 -5.76 -21.16
C ALA A 158 34.83 -4.50 -20.72
N LYS A 159 36.07 -4.67 -20.26
CA LYS A 159 36.97 -3.55 -20.00
C LYS A 159 36.40 -2.49 -19.05
N LYS A 160 35.79 -2.95 -17.94
CA LYS A 160 35.24 -2.05 -16.92
C LYS A 160 36.20 -1.88 -15.73
N GLY A 161 36.19 -0.67 -15.16
CA GLY A 161 36.93 -0.36 -13.94
C GLY A 161 38.41 -0.67 -14.06
N MET A 162 38.95 -1.34 -13.04
CA MET A 162 40.36 -1.71 -12.98
C MET A 162 40.84 -2.60 -14.14
N TRP A 163 39.92 -3.18 -14.91
CA TRP A 163 40.23 -3.92 -16.14
C TRP A 163 40.21 -3.06 -17.43
N SER A 164 40.22 -1.73 -17.26
CA SER A 164 40.42 -0.80 -18.38
C SER A 164 41.91 -0.66 -18.70
N GLU A 165 42.20 -0.27 -19.95
CA GLU A 165 43.57 -0.01 -20.37
C GLU A 165 44.07 1.20 -19.60
N GLY A 166 45.04 0.98 -18.72
CA GLY A 166 45.66 2.05 -17.95
C GLY A 166 45.97 1.70 -16.51
N ASN A 167 46.49 2.70 -15.82
CA ASN A 167 46.89 2.59 -14.40
C ASN A 167 45.76 3.00 -13.45
N GLY A 168 44.75 3.70 -13.97
CA GLY A 168 43.66 4.24 -13.16
C GLY A 168 44.03 5.44 -12.31
N SER A 169 45.06 6.20 -12.74
CA SER A 169 45.47 7.43 -12.06
C SER A 169 44.39 8.53 -12.07
N HIS A 170 43.57 8.57 -13.12
CA HIS A 170 42.40 9.48 -13.20
C HIS A 170 41.30 9.26 -12.13
N THR A 171 41.34 8.14 -11.41
CA THR A 171 40.43 7.88 -10.28
C THR A 171 41.00 8.29 -8.92
N ILE A 172 42.26 8.72 -8.86
CA ILE A 172 42.85 9.19 -7.61
C ILE A 172 42.48 10.66 -7.43
N ARG A 173 41.70 10.97 -6.40
CA ARG A 173 41.27 12.36 -6.17
C ARG A 173 42.43 13.23 -5.72
N ASP A 174 42.49 14.46 -6.23
CA ASP A 174 43.49 15.44 -5.78
C ASP A 174 42.98 16.08 -4.49
N LEU A 175 43.05 15.30 -3.41
CA LEU A 175 42.31 15.57 -2.18
C LEU A 175 43.04 16.62 -1.37
N LYS A 176 42.37 17.76 -1.15
CA LYS A 176 42.91 18.84 -0.32
C LYS A 176 42.18 18.85 1.03
N TYR A 177 42.96 18.85 2.09
CA TYR A 177 42.45 18.84 3.46
C TYR A 177 42.31 20.22 4.03
N THR A 178 43.00 21.23 3.48
CA THR A 178 42.75 22.61 3.87
C THR A 178 42.65 23.57 2.67
N ILE A 179 41.70 24.51 2.75
CA ILE A 179 41.57 25.60 1.78
C ILE A 179 42.65 26.63 2.08
N GLU A 180 43.32 27.10 1.03
CA GLU A 180 44.55 27.90 1.20
C GLU A 180 44.25 29.31 1.69
N ASN A 181 43.49 30.06 0.90
CA ASN A 181 43.01 31.39 1.29
C ASN A 181 41.47 31.31 1.39
N PRO A 182 40.96 31.11 2.63
CA PRO A 182 39.53 30.78 2.75
C PRO A 182 38.57 31.91 2.34
N ARG A 183 38.83 33.14 2.80
CA ARG A 183 38.00 34.30 2.45
C ARG A 183 37.90 34.48 0.94
N HIS A 184 39.02 34.35 0.25
CA HIS A 184 39.06 34.35 -1.21
C HIS A 184 38.21 33.22 -1.74
N PHE A 185 38.46 32.00 -1.26
CA PHE A 185 37.76 30.79 -1.74
C PHE A 185 36.23 30.90 -1.68
N VAL A 186 35.70 31.47 -0.59
CA VAL A 186 34.27 31.72 -0.42
C VAL A 186 33.79 32.89 -1.32
N ASP A 187 34.53 34.02 -1.28
CA ASP A 187 34.31 35.13 -2.21
C ASP A 187 34.28 34.66 -3.68
N SER A 188 35.15 33.70 -4.00
CA SER A 188 35.29 33.15 -5.36
C SER A 188 34.04 32.48 -5.92
N HIS A 189 33.22 31.88 -5.06
CA HIS A 189 32.01 31.21 -5.53
C HIS A 189 30.75 32.08 -5.51
N HIS A 190 30.85 33.34 -5.03
CA HIS A 190 29.76 34.33 -5.10
C HIS A 190 28.38 33.86 -4.60
N GLN A 191 28.37 32.96 -3.60
CA GLN A 191 27.14 32.35 -3.04
C GLN A 191 26.37 31.45 -4.02
N LYS A 192 27.08 30.88 -4.99
CA LYS A 192 26.51 29.95 -5.97
C LYS A 192 26.70 28.53 -5.47
N PRO A 193 25.62 27.73 -5.38
CA PRO A 193 25.82 26.46 -4.66
C PRO A 193 26.85 25.53 -5.31
N VAL A 194 27.60 24.87 -4.45
CA VAL A 194 28.67 23.96 -4.83
C VAL A 194 28.22 22.55 -4.49
N ASN A 195 28.15 21.69 -5.50
CA ASN A 195 27.88 20.27 -5.29
C ASN A 195 28.85 19.69 -4.30
N ALA A 196 28.34 18.92 -3.36
CA ALA A 196 29.19 18.33 -2.32
C ALA A 196 28.57 17.07 -1.73
N ILE A 197 29.39 16.34 -0.99
CA ILE A 197 28.97 15.11 -0.33
C ILE A 197 29.24 15.34 1.13
N ILE A 198 28.33 14.94 2.00
CA ILE A 198 28.48 15.18 3.43
C ILE A 198 29.08 13.88 3.98
N GLU A 199 30.32 13.96 4.49
CA GLU A 199 31.10 12.74 4.78
C GLU A 199 31.01 12.29 6.21
N HIS A 200 30.75 13.22 7.13
CA HIS A 200 30.65 12.97 8.60
C HIS A 200 29.83 14.06 9.32
N VAL A 201 29.16 13.69 10.40
CA VAL A 201 28.36 14.64 11.17
C VAL A 201 28.95 14.74 12.61
N ARG A 202 29.73 15.79 12.89
CA ARG A 202 30.35 15.99 14.22
C ARG A 202 29.30 16.25 15.30
N ASP A 203 28.42 17.23 15.05
CA ASP A 203 27.16 17.38 15.77
C ASP A 203 26.08 17.84 14.80
N GLY A 204 24.84 17.99 15.28
CA GLY A 204 23.72 18.35 14.40
C GLY A 204 23.86 19.59 13.52
N SER A 205 24.79 20.48 13.86
CA SER A 205 25.01 21.71 13.11
C SER A 205 26.37 21.90 12.46
N VAL A 206 27.36 21.07 12.77
CA VAL A 206 28.63 21.08 11.99
C VAL A 206 29.00 19.71 11.39
N VAL A 207 29.25 19.73 10.08
CA VAL A 207 29.47 18.55 9.22
C VAL A 207 30.84 18.68 8.55
N ARG A 208 31.28 17.59 7.93
CA ARG A 208 32.51 17.54 7.13
C ARG A 208 32.05 17.32 5.71
N ALA A 209 32.25 18.31 4.85
CA ALA A 209 31.73 18.27 3.48
C ALA A 209 32.80 18.08 2.42
N LEU A 210 32.69 17.03 1.61
CA LEU A 210 33.54 16.84 0.42
C LEU A 210 33.03 17.70 -0.72
N LEU A 211 33.68 18.84 -0.95
CA LEU A 211 33.26 19.78 -2.00
C LEU A 211 33.74 19.28 -3.35
N LEU A 212 32.92 19.45 -4.40
CA LEU A 212 33.24 18.99 -5.76
C LEU A 212 33.20 20.19 -6.73
N PRO A 213 33.86 20.10 -7.88
CA PRO A 213 34.76 18.99 -8.31
C PRO A 213 36.27 19.07 -7.85
N ASP A 214 36.60 19.99 -6.95
CA ASP A 214 38.00 20.20 -6.53
C ASP A 214 38.50 19.24 -5.42
N TYR A 215 37.60 18.49 -4.80
CA TYR A 215 37.94 17.53 -3.72
C TYR A 215 38.63 18.20 -2.51
N TYR A 216 38.02 19.27 -2.06
CA TYR A 216 38.36 19.87 -0.77
C TYR A 216 37.53 19.16 0.29
N LEU A 217 38.20 18.48 1.21
CA LEU A 217 37.50 17.95 2.42
C LEU A 217 37.59 18.98 3.53
N VAL A 218 36.44 19.55 3.90
CA VAL A 218 36.41 20.62 4.89
C VAL A 218 35.22 20.59 5.82
N THR A 219 35.37 21.37 6.89
CA THR A 219 34.40 21.48 7.97
C THR A 219 33.42 22.60 7.64
N VAL A 220 32.13 22.24 7.61
CA VAL A 220 31.03 23.17 7.28
C VAL A 220 30.13 23.33 8.51
N MET A 221 30.12 24.53 9.07
CA MET A 221 29.19 24.92 10.14
C MET A 221 27.96 25.63 9.57
N LEU A 222 26.76 25.14 9.93
CA LEU A 222 25.51 25.74 9.45
C LEU A 222 25.36 27.19 9.92
N SER A 223 25.26 28.12 8.96
CA SER A 223 25.17 29.55 9.22
C SER A 223 23.93 29.89 10.03
N GLY A 224 24.12 30.70 11.08
CA GLY A 224 23.04 31.19 11.89
C GLY A 224 22.51 30.30 13.01
N ILE A 225 23.03 29.08 13.17
CA ILE A 225 22.57 28.19 14.28
C ILE A 225 23.69 27.50 15.08
N LYS A 226 23.28 26.86 16.16
CA LYS A 226 24.14 26.06 17.02
C LYS A 226 23.26 24.97 17.61
N CYS A 227 23.71 23.73 17.47
CA CYS A 227 23.05 22.60 18.11
C CYS A 227 23.74 22.41 19.43
N PRO A 228 23.16 21.60 20.33
CA PRO A 228 23.94 21.17 21.48
C PRO A 228 25.17 20.35 21.05
N THR A 229 26.17 20.23 21.93
CA THR A 229 27.47 19.74 21.53
C THR A 229 28.05 18.66 22.43
N PHE A 230 28.98 17.90 21.86
CA PHE A 230 29.68 16.81 22.53
C PHE A 230 30.94 17.32 23.20
N ARG A 231 31.04 17.06 24.50
CA ARG A 231 32.31 17.19 25.23
C ARG A 231 32.65 15.85 25.86
N THR A 234 31.22 14.72 28.63
CA THR A 234 29.85 14.25 28.38
C THR A 234 28.86 15.32 27.84
N PRO A 235 27.95 14.89 26.94
CA PRO A 235 27.31 15.79 25.98
C PRO A 235 26.12 16.56 26.51
N GLU A 236 25.93 17.77 25.99
CA GLU A 236 24.83 18.63 26.40
C GLU A 236 23.49 17.94 26.06
N PRO A 237 22.40 18.32 26.75
CA PRO A 237 21.11 17.73 26.37
C PRO A 237 20.77 17.92 24.88
N PHE A 238 20.33 16.83 24.23
CA PHE A 238 19.94 16.77 22.80
C PHE A 238 21.07 16.95 21.80
N ALA A 239 22.31 16.68 22.19
CA ALA A 239 23.42 16.69 21.23
C ALA A 239 23.31 15.44 20.39
N ALA A 240 23.20 14.30 21.04
CA ALA A 240 23.13 13.02 20.33
C ALA A 240 21.86 12.94 19.46
N GLU A 241 20.78 13.52 19.95
CA GLU A 241 19.55 13.64 19.19
C GLU A 241 19.72 14.60 17.98
N ALA A 242 20.32 15.77 18.20
CA ALA A 242 20.60 16.71 17.10
C ALA A 242 21.51 16.08 16.10
N LYS A 243 22.57 15.41 16.57
CA LYS A 243 23.51 14.72 15.65
C LYS A 243 22.76 13.71 14.77
N PHE A 244 21.91 12.89 15.37
CA PHE A 244 21.14 11.89 14.63
C PHE A 244 20.17 12.50 13.63
N PHE A 245 19.49 13.57 14.03
CA PHE A 245 18.48 14.19 13.19
C PHE A 245 19.12 14.54 11.86
N THR A 246 20.21 15.30 11.93
CA THR A 246 20.97 15.75 10.75
C THR A 246 21.67 14.60 10.01
N GLU A 247 22.25 13.68 10.77
CA GLU A 247 23.02 12.55 10.23
C GLU A 247 22.20 11.51 9.41
N SER A 248 21.01 11.17 9.88
CA SER A 248 20.13 10.25 9.15
C SER A 248 19.51 10.87 7.88
N ARG A 249 19.50 12.20 7.80
CA ARG A 249 18.99 12.91 6.65
C ARG A 249 20.03 13.23 5.61
N LEU A 250 21.31 13.47 6.01
CA LEU A 250 22.37 14.03 5.12
C LEU A 250 23.70 13.29 4.99
N LEU A 251 24.03 12.38 5.91
CA LEU A 251 25.29 11.62 5.84
C LEU A 251 25.35 10.82 4.51
N GLN A 252 26.43 11.03 3.76
CA GLN A 252 26.72 10.37 2.48
C GLN A 252 25.66 10.61 1.43
N ARG A 253 25.06 11.80 1.49
CA ARG A 253 24.13 12.25 0.49
C ARG A 253 24.80 13.30 -0.38
N ASP A 254 24.34 13.40 -1.63
CA ASP A 254 24.75 14.46 -2.54
C ASP A 254 23.96 15.68 -2.12
N VAL A 255 24.66 16.80 -1.93
CA VAL A 255 24.03 18.06 -1.59
C VAL A 255 24.71 19.19 -2.33
N GLN A 256 24.13 20.38 -2.19
CA GLN A 256 24.76 21.60 -2.60
C GLN A 256 24.93 22.48 -1.36
N ILE A 257 26.02 23.22 -1.30
CA ILE A 257 26.29 24.11 -0.17
C ILE A 257 26.44 25.53 -0.70
N ILE A 258 25.76 26.48 -0.06
CA ILE A 258 26.07 27.90 -0.26
C ILE A 258 27.18 28.20 0.75
N LEU A 259 28.35 28.62 0.26
CA LEU A 259 29.45 28.97 1.16
C LEU A 259 29.28 30.44 1.45
N GLU A 260 28.98 30.76 2.70
CA GLU A 260 28.47 32.10 3.04
C GLU A 260 29.56 32.97 3.64
N SER A 261 30.25 32.47 4.67
CA SER A 261 31.48 33.08 5.20
C SER A 261 32.39 31.99 5.79
N CYS A 262 33.38 32.37 6.60
CA CYS A 262 34.27 31.41 7.23
C CYS A 262 34.54 31.80 8.68
N HIS A 263 34.80 30.78 9.52
CA HIS A 263 35.34 30.97 10.87
C HIS A 263 36.55 30.07 11.05
N ASN A 264 37.72 30.70 10.99
CA ASN A 264 39.03 30.03 11.02
C ASN A 264 39.18 29.09 9.81
N GLN A 265 39.46 27.80 10.03
CA GLN A 265 39.51 26.82 8.93
C GLN A 265 38.19 26.03 8.89
N ASN A 266 37.08 26.75 9.12
CA ASN A 266 35.73 26.20 9.00
C ASN A 266 34.90 27.11 8.10
N ILE A 267 34.03 26.47 7.32
CA ILE A 267 33.18 27.17 6.34
C ILE A 267 31.77 27.38 6.90
N LEU A 268 31.39 28.64 7.13
CA LEU A 268 30.03 28.98 7.44
C LEU A 268 29.26 28.84 6.14
N GLY A 269 28.17 28.07 6.18
CA GLY A 269 27.35 27.82 5.00
C GLY A 269 25.96 27.26 5.28
N THR A 270 25.25 26.98 4.19
CA THR A 270 23.91 26.44 4.24
C THR A 270 23.77 25.28 3.25
N ILE A 271 23.08 24.23 3.67
CA ILE A 271 22.95 22.98 2.91
C ILE A 271 21.62 22.94 2.17
N LEU A 272 21.69 22.64 0.88
CA LEU A 272 20.53 22.49 0.04
C LEU A 272 20.37 20.99 -0.23
N HIS A 273 19.13 20.52 -0.12
CA HIS A 273 18.71 19.19 -0.53
C HIS A 273 17.26 19.32 -0.95
N PRO A 274 16.78 18.50 -1.91
CA PRO A 274 15.35 18.58 -2.32
C PRO A 274 14.30 18.45 -1.18
N ASN A 275 14.56 17.58 -0.21
CA ASN A 275 13.63 17.29 0.88
C ASN A 275 13.39 18.46 1.85
N GLY A 276 14.36 19.37 1.97
CA GLY A 276 14.19 20.62 2.74
C GLY A 276 15.49 21.26 3.20
N ASN A 277 15.35 22.37 3.92
CA ASN A 277 16.49 23.05 4.58
C ASN A 277 16.72 22.51 6.00
N ILE A 278 17.84 21.81 6.18
CA ILE A 278 18.19 21.23 7.49
C ILE A 278 18.31 22.29 8.59
N THR A 279 18.79 23.49 8.23
CA THR A 279 18.90 24.60 9.21
C THR A 279 17.50 24.99 9.67
N GLU A 280 16.59 25.19 8.72
CA GLU A 280 15.22 25.62 9.03
C GLU A 280 14.48 24.54 9.83
N LEU A 281 14.66 23.28 9.45
CA LEU A 281 14.14 22.15 10.26
C LEU A 281 14.65 22.07 11.71
N LEU A 282 15.98 21.98 11.89
CA LEU A 282 16.61 21.81 13.21
C LEU A 282 16.04 22.80 14.23
N LEU A 283 15.95 24.07 13.86
CA LEU A 283 15.30 25.08 14.70
C LEU A 283 13.79 24.80 14.88
N LYS A 284 13.09 24.53 13.77
CA LYS A 284 11.64 24.25 13.78
C LYS A 284 11.26 23.03 14.65
N GLU A 285 12.16 22.06 14.78
CA GLU A 285 11.95 20.84 15.54
C GLU A 285 12.54 20.88 16.96
N GLY A 286 13.05 22.05 17.39
CA GLY A 286 13.60 22.21 18.73
C GLY A 286 14.95 21.54 18.98
N PHE A 287 15.78 21.43 17.93
CA PHE A 287 17.18 20.91 18.07
C PHE A 287 18.27 21.99 17.99
N ALA A 288 17.91 23.25 17.75
CA ALA A 288 18.89 24.33 17.61
C ALA A 288 18.41 25.73 18.12
N ARG A 289 19.37 26.61 18.39
CA ARG A 289 19.11 28.00 18.78
C ARG A 289 19.82 28.91 17.77
N CYS A 290 19.15 30.01 17.42
CA CYS A 290 19.71 31.00 16.51
C CYS A 290 20.83 31.77 17.22
N VAL A 291 22.07 31.65 16.73
CA VAL A 291 23.21 32.39 17.26
C VAL A 291 23.39 33.72 16.50
N ASP A 292 23.68 34.79 17.25
CA ASP A 292 23.48 36.16 16.78
C ASP A 292 24.52 36.62 15.76
N TRP A 293 25.78 36.28 16.03
CA TRP A 293 26.91 36.63 15.13
C TRP A 293 26.75 36.07 13.71
N SER A 294 26.61 34.75 13.58
CA SER A 294 26.72 34.11 12.27
C SER A 294 25.46 34.20 11.45
N ILE A 295 24.33 34.56 12.05
CA ILE A 295 23.09 34.66 11.27
C ILE A 295 23.12 35.78 10.23
N ALA A 296 23.96 36.79 10.46
CA ALA A 296 24.25 37.84 9.45
C ALA A 296 24.71 37.33 8.05
N VAL A 297 25.33 36.16 8.00
CA VAL A 297 25.81 35.59 6.73
C VAL A 297 24.84 34.61 6.08
N TYR A 298 23.72 34.29 6.75
CA TYR A 298 22.72 33.37 6.19
C TYR A 298 22.06 34.07 5.02
N THR A 299 22.19 33.49 3.82
CA THR A 299 21.69 34.12 2.59
C THR A 299 20.19 33.85 2.37
N ARG A 300 19.76 32.62 2.68
CA ARG A 300 18.37 32.21 2.47
C ARG A 300 17.27 32.97 3.24
N GLY A 301 17.63 33.90 4.14
CA GLY A 301 16.67 34.82 4.76
C GLY A 301 16.58 34.64 6.26
N ALA A 302 17.21 35.56 7.00
CA ALA A 302 17.30 35.50 8.48
C ALA A 302 15.95 35.50 9.23
N GLU A 303 14.90 36.01 8.59
CA GLU A 303 13.54 36.03 9.18
C GLU A 303 12.99 34.62 9.41
N LYS A 304 13.32 33.71 8.50
CA LYS A 304 12.83 32.34 8.56
C LYS A 304 13.43 31.55 9.72
N LEU A 305 14.71 31.77 10.04
CA LEU A 305 15.39 31.08 11.16
C LEU A 305 14.85 31.51 12.52
N ARG A 306 14.65 32.82 12.67
CA ARG A 306 14.02 33.36 13.88
C ARG A 306 12.55 32.92 14.05
N ALA A 307 11.85 32.78 12.93
CA ALA A 307 10.48 32.26 12.90
C ALA A 307 10.35 30.80 13.33
N ALA A 308 11.25 29.96 12.84
CA ALA A 308 11.23 28.52 13.18
C ALA A 308 11.69 28.25 14.63
N GLU A 309 12.63 29.06 15.13
CA GLU A 309 12.95 29.03 16.55
C GLU A 309 11.73 29.41 17.37
N ARG A 310 11.10 30.54 17.02
CA ARG A 310 9.86 30.98 17.67
C ARG A 310 8.74 29.93 17.59
N PHE A 311 8.74 29.12 16.54
CA PHE A 311 7.84 27.96 16.43
C PHE A 311 8.12 26.90 17.48
N ALA A 312 9.41 26.56 17.66
CA ALA A 312 9.82 25.57 18.65
C ALA A 312 9.60 26.07 20.09
N LYS A 313 9.97 27.33 20.34
CA LYS A 313 9.92 27.94 21.67
C LYS A 313 8.49 28.02 22.21
N GLU A 314 7.56 28.44 21.35
CA GLU A 314 6.14 28.52 21.72
C GLU A 314 5.50 27.14 21.96
N ARG A 315 5.99 26.11 21.28
CA ARG A 315 5.48 24.74 21.40
C ARG A 315 6.18 23.89 22.51
N ARG A 316 7.15 24.48 23.22
CA ARG A 316 7.86 23.80 24.33
C ARG A 316 8.55 22.51 23.86
N LEU A 317 9.27 22.60 22.74
CA LEU A 317 9.89 21.43 22.07
C LEU A 317 11.35 21.22 22.45
N ARG A 318 11.68 20.03 22.92
CA ARG A 318 13.05 19.58 23.28
C ARG A 318 13.88 20.59 24.10
N ILE A 319 14.73 21.38 23.43
CA ILE A 319 15.59 22.33 24.12
C ILE A 319 14.83 23.47 24.80
N TRP A 320 13.53 23.60 24.49
CA TRP A 320 12.61 24.60 25.07
C TRP A 320 11.60 24.06 26.10
N ARG A 321 11.73 22.79 26.49
CA ARG A 321 10.88 22.26 27.57
C ARG A 321 11.16 23.00 28.86
N ASP A 322 10.21 22.97 29.78
CA ASP A 322 10.39 23.60 31.09
C ASP A 322 11.26 22.72 31.98
N THR B 23 -0.88 -25.11 -4.82
CA THR B 23 -0.19 -24.63 -3.57
C THR B 23 -0.99 -23.49 -2.87
N VAL B 24 -1.82 -23.84 -1.87
CA VAL B 24 -2.80 -22.90 -1.33
C VAL B 24 -2.11 -21.77 -0.52
N GLN B 25 -2.16 -20.55 -1.05
CA GLN B 25 -1.63 -19.36 -0.35
C GLN B 25 -2.74 -18.58 0.35
N ARG B 26 -2.37 -17.55 1.12
CA ARG B 26 -3.31 -16.82 1.97
C ARG B 26 -3.00 -15.35 2.01
N GLY B 27 -4.02 -14.53 2.30
CA GLY B 27 -3.85 -13.09 2.46
C GLY B 27 -5.09 -12.35 2.91
N ILE B 28 -4.98 -11.02 2.92
CA ILE B 28 -6.13 -10.11 3.05
C ILE B 28 -6.36 -9.41 1.70
N ILE B 29 -7.61 -9.09 1.40
CA ILE B 29 -7.91 -8.23 0.24
C ILE B 29 -7.51 -6.80 0.57
N LYS B 30 -6.59 -6.26 -0.21
CA LYS B 30 -6.21 -4.84 -0.12
C LYS B 30 -7.21 -4.05 -0.95
N MET B 31 -7.37 -4.46 -2.20
CA MET B 31 -8.31 -3.85 -3.11
C MET B 31 -8.71 -4.78 -4.25
N VAL B 32 -9.74 -4.32 -4.97
CA VAL B 32 -10.27 -4.90 -6.20
C VAL B 32 -10.15 -3.84 -7.30
N LEU B 33 -9.64 -4.24 -8.46
CA LEU B 33 -9.34 -3.30 -9.55
C LEU B 33 -10.35 -3.34 -10.70
N SER B 34 -10.06 -2.55 -11.71
CA SER B 34 -10.60 -2.70 -13.08
C SER B 34 -10.51 -4.17 -13.55
N GLY B 35 -11.65 -4.71 -13.99
CA GLY B 35 -11.74 -6.07 -14.50
C GLY B 35 -11.76 -7.12 -13.40
N CYS B 36 -11.88 -6.66 -12.15
CA CYS B 36 -11.87 -7.57 -11.00
C CYS B 36 -10.59 -8.44 -10.84
N ALA B 37 -9.46 -8.00 -11.39
CA ALA B 37 -8.18 -8.40 -10.88
C ALA B 37 -8.14 -7.84 -9.45
N ILE B 38 -7.67 -8.64 -8.50
CA ILE B 38 -7.72 -8.28 -7.08
C ILE B 38 -6.30 -8.12 -6.57
N ILE B 39 -6.05 -7.08 -5.78
CA ILE B 39 -4.78 -6.94 -5.08
C ILE B 39 -4.95 -7.56 -3.69
N VAL B 40 -4.07 -8.53 -3.38
CA VAL B 40 -4.03 -9.25 -2.10
C VAL B 40 -2.73 -8.89 -1.41
N ARG B 41 -2.80 -8.66 -0.11
CA ARG B 41 -1.60 -8.36 0.69
C ARG B 41 -1.44 -9.33 1.88
N GLY B 42 -0.21 -9.43 2.35
CA GLY B 42 0.07 -10.17 3.56
C GLY B 42 0.15 -9.20 4.72
N GLN B 43 0.93 -9.62 5.73
CA GLN B 43 1.25 -8.81 6.90
C GLN B 43 2.67 -8.28 6.79
N PRO B 44 2.90 -7.05 7.30
CA PRO B 44 4.23 -6.47 7.16
C PRO B 44 5.25 -7.09 8.12
N ARG B 45 6.51 -7.13 7.68
CA ARG B 45 7.64 -7.54 8.51
C ARG B 45 8.84 -6.65 8.15
N GLY B 46 8.90 -5.47 8.80
CA GLY B 46 9.93 -4.48 8.50
C GLY B 46 9.72 -3.82 7.15
N GLY B 47 8.80 -2.85 7.11
CA GLY B 47 8.31 -2.23 5.86
C GLY B 47 6.85 -2.60 5.59
N PRO B 48 6.19 -1.90 4.64
CA PRO B 48 4.80 -2.24 4.36
C PRO B 48 4.63 -3.64 3.77
N PRO B 49 3.42 -4.24 3.87
CA PRO B 49 3.17 -5.63 3.43
C PRO B 49 3.52 -5.96 1.98
N PRO B 50 3.85 -7.24 1.69
CA PRO B 50 4.04 -7.66 0.29
C PRO B 50 2.69 -7.75 -0.47
N GLU B 51 2.58 -7.06 -1.60
CA GLU B 51 1.34 -7.03 -2.42
C GLU B 51 1.45 -7.93 -3.64
N ARG B 52 0.37 -8.64 -3.92
CA ARG B 52 0.25 -9.48 -5.12
C ARG B 52 -1.04 -9.07 -5.84
N GLN B 53 -1.00 -8.99 -7.18
CA GLN B 53 -2.19 -8.64 -8.00
C GLN B 53 -2.61 -9.88 -8.75
N ILE B 54 -3.69 -10.51 -8.31
CA ILE B 54 -4.20 -11.71 -8.97
C ILE B 54 -5.28 -11.33 -9.98
N ASN B 55 -5.11 -11.77 -11.22
CA ASN B 55 -6.12 -11.61 -12.27
C ASN B 55 -6.92 -12.91 -12.33
N LEU B 56 -8.26 -12.83 -12.23
CA LEU B 56 -9.08 -14.03 -12.08
C LEU B 56 -9.02 -14.89 -13.33
N SER B 57 -8.59 -16.14 -13.16
CA SER B 57 -8.47 -17.08 -14.27
C SER B 57 -9.85 -17.41 -14.83
N ASN B 58 -9.88 -17.71 -16.13
CA ASN B 58 -11.05 -18.22 -16.83
C ASN B 58 -12.25 -17.27 -16.94
N ILE B 59 -12.12 -16.02 -16.47
CA ILE B 59 -13.25 -15.08 -16.53
C ILE B 59 -12.89 -13.69 -17.08
N ARG B 60 -13.92 -12.94 -17.44
CA ARG B 60 -13.74 -11.61 -18.03
C ARG B 60 -14.79 -10.63 -17.51
N ALA B 61 -14.30 -9.56 -16.91
CA ALA B 61 -15.12 -8.44 -16.46
C ALA B 61 -14.72 -7.19 -17.22
N GLY B 62 -15.62 -6.21 -17.24
CA GLY B 62 -15.34 -4.95 -17.92
C GLY B 62 -14.22 -4.13 -17.33
N ASN B 63 -13.59 -3.33 -18.17
CA ASN B 63 -12.67 -2.30 -17.71
C ASN B 63 -13.48 -1.12 -17.19
N LEU B 64 -13.03 -0.54 -16.08
CA LEU B 64 -13.61 0.69 -15.55
C LEU B 64 -13.13 1.88 -16.38
N ALA B 65 -13.71 3.04 -16.10
CA ALA B 65 -13.30 4.29 -16.71
C ALA B 65 -11.82 4.58 -16.46
N ARG B 66 -11.22 5.35 -17.35
CA ARG B 66 -9.79 5.65 -17.27
C ARG B 66 -9.42 6.80 -18.16
N ARG B 67 -8.27 7.38 -17.87
CA ARG B 67 -7.78 8.55 -18.53
C ARG B 67 -6.42 8.29 -19.12
N ALA B 68 -6.15 8.90 -20.27
CA ALA B 68 -4.78 8.98 -20.82
C ALA B 68 -4.67 10.11 -21.85
N ALA B 69 -4.68 9.80 -23.16
CA ALA B 69 -4.68 10.84 -24.19
C ALA B 69 -6.05 11.47 -24.16
N LYS B 70 -7.07 10.62 -24.12
CA LYS B 70 -8.44 11.05 -23.86
C LYS B 70 -9.06 10.34 -22.65
N ASP B 71 -10.23 10.82 -22.24
CA ASP B 71 -11.10 10.11 -21.29
C ASP B 71 -11.78 8.95 -22.02
N THR B 72 -11.80 7.78 -21.39
CA THR B 72 -12.57 6.63 -21.90
C THR B 72 -13.50 6.15 -20.76
N PRO B 73 -14.77 5.88 -21.07
CA PRO B 73 -15.78 5.64 -20.03
C PRO B 73 -15.79 4.22 -19.52
N ASP B 74 -16.56 3.97 -18.46
CA ASP B 74 -16.90 2.60 -18.04
C ASP B 74 -17.51 1.81 -19.21
N GLU B 75 -17.12 0.54 -19.33
CA GLU B 75 -17.86 -0.39 -20.17
C GLU B 75 -19.16 -0.73 -19.45
N PRO B 76 -20.11 -1.36 -20.17
CA PRO B 76 -21.25 -1.94 -19.46
C PRO B 76 -20.83 -2.88 -18.35
N TRP B 77 -21.49 -2.78 -17.20
CA TRP B 77 -21.36 -3.77 -16.12
C TRP B 77 -19.99 -3.86 -15.40
N ALA B 78 -19.08 -2.91 -15.64
CA ALA B 78 -17.76 -3.00 -15.01
C ALA B 78 -17.76 -2.46 -13.58
N PHE B 79 -18.41 -1.31 -13.37
CA PHE B 79 -18.55 -0.74 -12.03
C PHE B 79 -19.38 -1.62 -11.12
N PRO B 80 -20.56 -2.09 -11.59
CA PRO B 80 -21.32 -3.01 -10.74
C PRO B 80 -20.59 -4.31 -10.38
N ALA B 81 -19.67 -4.76 -11.25
CA ALA B 81 -18.85 -5.93 -10.93
C ALA B 81 -17.81 -5.59 -9.86
N ARG B 82 -17.10 -4.47 -10.03
CA ARG B 82 -16.13 -3.96 -9.05
C ARG B 82 -16.79 -3.77 -7.72
N GLU B 83 -17.96 -3.14 -7.70
CA GLU B 83 -18.67 -2.88 -6.44
C GLU B 83 -19.15 -4.17 -5.77
N PHE B 84 -19.52 -5.18 -6.55
CA PHE B 84 -19.99 -6.46 -6.01
C PHE B 84 -18.89 -7.14 -5.17
N LEU B 85 -17.71 -7.32 -5.77
CA LEU B 85 -16.58 -7.89 -5.05
C LEU B 85 -16.04 -6.95 -3.97
N ARG B 86 -16.17 -5.64 -4.15
CA ARG B 86 -15.71 -4.67 -3.12
C ARG B 86 -16.53 -4.72 -1.80
N LYS B 87 -17.86 -4.60 -1.85
CA LYS B 87 -18.70 -4.75 -0.65
C LYS B 87 -18.46 -6.08 0.02
N LYS B 88 -18.31 -7.10 -0.80
CA LYS B 88 -18.20 -8.48 -0.38
C LYS B 88 -16.84 -8.84 0.22
N LEU B 89 -15.75 -8.40 -0.42
CA LEU B 89 -14.40 -8.92 -0.11
C LEU B 89 -13.49 -8.02 0.73
N ILE B 90 -13.59 -6.69 0.60
CA ILE B 90 -12.58 -5.78 1.20
C ILE B 90 -12.39 -6.09 2.67
N GLY B 91 -11.14 -6.18 3.10
CA GLY B 91 -10.84 -6.46 4.51
C GLY B 91 -10.89 -7.91 4.93
N LYS B 92 -11.59 -8.77 4.17
CA LYS B 92 -11.76 -10.19 4.54
C LYS B 92 -10.47 -10.95 4.31
N GLU B 93 -10.40 -12.15 4.86
CA GLU B 93 -9.26 -13.04 4.70
C GLU B 93 -9.58 -14.07 3.62
N VAL B 94 -8.81 -14.04 2.52
CA VAL B 94 -9.00 -14.99 1.42
C VAL B 94 -7.86 -15.99 1.35
N CYS B 95 -8.05 -17.03 0.53
CA CYS B 95 -6.94 -17.86 0.09
C CYS B 95 -6.99 -17.92 -1.43
N PHE B 96 -5.84 -18.12 -2.06
CA PHE B 96 -5.71 -18.11 -3.53
C PHE B 96 -4.76 -19.18 -4.08
N THR B 97 -4.84 -19.41 -5.40
CA THR B 97 -3.96 -20.37 -6.12
C THR B 97 -3.63 -19.88 -7.54
N ILE B 98 -2.34 -19.78 -7.82
CA ILE B 98 -1.80 -19.17 -9.04
C ILE B 98 -1.65 -20.23 -10.15
N GLU B 99 -2.60 -20.26 -11.09
CA GLU B 99 -2.59 -21.24 -12.19
C GLU B 99 -1.51 -20.99 -13.26
N ASN B 100 -1.10 -19.73 -13.45
CA ASN B 100 -0.08 -19.40 -14.45
C ASN B 100 0.58 -18.05 -14.17
N LYS B 101 1.77 -17.86 -14.71
CA LYS B 101 2.50 -16.61 -14.64
C LYS B 101 3.00 -16.28 -16.05
N THR B 102 2.50 -15.19 -16.63
CA THR B 102 2.78 -14.84 -18.03
C THR B 102 4.09 -14.08 -18.20
N PRO B 103 4.61 -14.00 -19.45
CA PRO B 103 5.81 -13.19 -19.71
C PRO B 103 5.59 -11.68 -19.54
N GLY B 105 4.54 -10.39 -16.74
CA GLY B 105 4.68 -10.20 -15.28
C GLY B 105 3.35 -10.12 -14.53
N ARG B 106 2.38 -10.92 -14.99
CA ARG B 106 1.02 -10.96 -14.43
C ARG B 106 0.73 -12.35 -13.93
N GLU B 107 -0.05 -12.42 -12.86
CA GLU B 107 -0.43 -13.69 -12.27
C GLU B 107 -1.93 -13.94 -12.43
N TYR B 108 -2.28 -15.11 -12.92
CA TYR B 108 -3.67 -15.55 -13.03
C TYR B 108 -3.95 -16.65 -12.01
N GLY B 109 -5.15 -16.62 -11.46
CA GLY B 109 -5.54 -17.58 -10.44
C GLY B 109 -6.96 -17.43 -9.93
N MET B 110 -7.30 -18.25 -8.94
CA MET B 110 -8.63 -18.27 -8.37
C MET B 110 -8.51 -17.87 -6.90
N ILE B 111 -9.42 -17.01 -6.45
CA ILE B 111 -9.52 -16.64 -5.03
C ILE B 111 -10.77 -17.29 -4.41
N TYR B 112 -10.62 -17.73 -3.17
CA TYR B 112 -11.70 -18.31 -2.39
C TYR B 112 -11.82 -17.48 -1.12
N LEU B 113 -13.03 -16.98 -0.85
CA LEU B 113 -13.30 -16.15 0.32
C LEU B 113 -13.46 -17.09 1.50
N GLY B 114 -12.34 -17.35 2.19
CA GLY B 114 -12.33 -18.24 3.34
C GLY B 114 -10.91 -18.63 3.72
N LYS B 115 -10.77 -19.83 4.30
CA LYS B 115 -9.49 -20.41 4.70
C LYS B 115 -9.12 -21.69 3.92
N ASP B 116 -9.85 -22.00 2.84
CA ASP B 116 -9.55 -23.20 2.03
C ASP B 116 -10.07 -23.15 0.60
N THR B 117 -9.48 -24.00 -0.24
CA THR B 117 -9.74 -24.06 -1.69
C THR B 117 -11.12 -24.68 -2.07
N ASN B 118 -11.97 -24.92 -1.06
CA ASN B 118 -13.33 -25.41 -1.27
C ASN B 118 -14.42 -24.46 -0.72
N GLY B 119 -14.03 -23.29 -0.23
CA GLY B 119 -14.99 -22.25 0.18
C GLY B 119 -15.64 -21.58 -1.01
N GLU B 120 -15.91 -20.27 -0.89
CA GLU B 120 -16.62 -19.50 -1.93
C GLU B 120 -15.71 -18.88 -3.05
N ASN B 121 -15.59 -19.63 -4.15
CA ASN B 121 -14.87 -19.19 -5.35
C ASN B 121 -15.48 -17.89 -5.86
N ILE B 122 -14.75 -16.78 -5.75
CA ILE B 122 -15.30 -15.45 -6.07
C ILE B 122 -15.67 -15.26 -7.54
N ALA B 123 -15.04 -16.01 -8.44
CA ALA B 123 -15.34 -15.97 -9.86
C ALA B 123 -16.71 -16.56 -10.13
N GLU B 124 -17.09 -17.56 -9.35
CA GLU B 124 -18.41 -18.19 -9.50
C GLU B 124 -19.52 -17.22 -9.02
N SER B 125 -19.23 -16.40 -8.01
CA SER B 125 -20.13 -15.34 -7.60
C SER B 125 -20.39 -14.31 -8.71
N LEU B 126 -19.32 -13.87 -9.38
CA LEU B 126 -19.40 -12.87 -10.47
C LEU B 126 -20.26 -13.32 -11.63
N VAL B 127 -20.01 -14.52 -12.11
CA VAL B 127 -20.66 -15.04 -13.30
C VAL B 127 -22.12 -15.42 -13.04
N ALA B 128 -22.47 -15.76 -11.80
CA ALA B 128 -23.86 -16.02 -11.42
C ALA B 128 -24.66 -14.72 -11.29
N GLU B 129 -24.00 -13.63 -10.88
CA GLU B 129 -24.65 -12.30 -10.90
C GLU B 129 -24.74 -11.71 -12.32
N GLY B 130 -24.09 -12.35 -13.29
CA GLY B 130 -23.96 -11.81 -14.62
C GLY B 130 -23.00 -10.64 -14.68
N LEU B 131 -22.13 -10.52 -13.69
CA LEU B 131 -21.20 -9.40 -13.62
C LEU B 131 -19.85 -9.77 -14.24
N ALA B 132 -19.72 -11.02 -14.71
CA ALA B 132 -18.62 -11.43 -15.57
C ALA B 132 -19.02 -12.58 -16.50
N THR B 133 -18.08 -13.04 -17.33
CA THR B 133 -18.28 -14.14 -18.27
C THR B 133 -17.04 -15.01 -18.41
N ARG B 134 -17.23 -16.19 -19.02
CA ARG B 134 -16.13 -17.11 -19.30
C ARG B 134 -15.28 -16.55 -20.44
N ARG B 135 -13.97 -16.77 -20.38
CA ARG B 135 -13.09 -16.30 -21.45
C ARG B 135 -13.36 -17.09 -22.74
N GLU B 136 -13.07 -16.47 -23.88
CA GLU B 136 -13.35 -17.05 -25.21
C GLU B 136 -12.02 -17.31 -25.93
N ASN B 141 -12.88 -30.22 -21.07
CA ASN B 141 -13.74 -29.81 -19.95
C ASN B 141 -13.36 -30.51 -18.64
N ASN B 142 -13.85 -29.96 -17.53
CA ASN B 142 -13.35 -30.29 -16.21
C ASN B 142 -14.28 -29.72 -15.11
N PRO B 143 -14.20 -30.25 -13.84
CA PRO B 143 -15.08 -29.80 -12.75
C PRO B 143 -15.13 -28.28 -12.54
N GLU B 144 -13.95 -27.65 -12.50
CA GLU B 144 -13.85 -26.18 -12.33
C GLU B 144 -14.57 -25.44 -13.45
N GLN B 145 -14.37 -25.90 -14.68
CA GLN B 145 -14.98 -25.28 -15.87
C GLN B 145 -16.46 -25.59 -15.95
N ASN B 146 -16.86 -26.79 -15.54
CA ASN B 146 -18.27 -27.14 -15.41
C ASN B 146 -19.02 -26.22 -14.41
N ARG B 147 -18.45 -25.98 -13.22
CA ARG B 147 -19.06 -25.09 -12.21
C ARG B 147 -19.32 -23.68 -12.75
N LEU B 148 -18.34 -23.12 -13.45
CA LEU B 148 -18.51 -21.80 -14.09
C LEU B 148 -19.65 -21.78 -15.14
N SER B 149 -19.79 -22.87 -15.89
CA SER B 149 -20.87 -22.96 -16.87
C SER B 149 -22.22 -22.95 -16.15
N GLU B 150 -22.38 -23.82 -15.15
CA GLU B 150 -23.61 -23.90 -14.35
C GLU B 150 -24.00 -22.54 -13.76
N CYS B 151 -23.02 -21.73 -13.40
CA CYS B 151 -23.27 -20.36 -12.95
C CYS B 151 -23.75 -19.46 -14.09
N GLU B 152 -23.10 -19.53 -15.24
CA GLU B 152 -23.43 -18.68 -16.38
C GLU B 152 -24.81 -19.01 -16.97
N GLU B 153 -25.18 -20.29 -16.99
CA GLU B 153 -26.52 -20.70 -17.48
C GLU B 153 -27.63 -20.19 -16.55
N GLN B 154 -27.38 -20.26 -15.24
CA GLN B 154 -28.32 -19.77 -14.22
C GLN B 154 -28.54 -18.26 -14.36
N ALA B 155 -27.44 -17.51 -14.36
CA ALA B 155 -27.45 -16.05 -14.57
C ALA B 155 -28.21 -15.63 -15.82
N LYS B 156 -27.92 -16.31 -16.93
CA LYS B 156 -28.58 -16.05 -18.21
C LYS B 156 -30.07 -16.44 -18.17
N ALA B 157 -30.39 -17.56 -17.52
CA ALA B 157 -31.78 -18.01 -17.35
C ALA B 157 -32.56 -17.32 -16.20
N ALA B 158 -31.95 -16.36 -15.52
CA ALA B 158 -32.64 -15.48 -14.57
C ALA B 158 -32.42 -13.98 -14.86
N LYS B 159 -31.93 -13.65 -16.06
CA LYS B 159 -31.87 -12.27 -16.54
C LYS B 159 -31.10 -11.32 -15.58
N LYS B 160 -29.94 -11.77 -15.10
CA LYS B 160 -29.08 -10.96 -14.22
C LYS B 160 -27.93 -10.29 -14.99
N GLY B 161 -27.58 -9.09 -14.56
CA GLY B 161 -26.44 -8.36 -15.09
C GLY B 161 -26.49 -8.17 -16.59
N MET B 162 -25.37 -8.45 -17.24
CA MET B 162 -25.24 -8.33 -18.70
C MET B 162 -26.23 -9.16 -19.52
N TRP B 163 -26.89 -10.13 -18.88
CA TRP B 163 -27.98 -10.92 -19.49
C TRP B 163 -29.39 -10.33 -19.27
N SER B 164 -29.46 -9.06 -18.83
CA SER B 164 -30.72 -8.32 -18.77
C SER B 164 -31.06 -7.75 -20.15
N GLU B 165 -32.35 -7.48 -20.35
CA GLU B 165 -32.83 -6.80 -21.55
C GLU B 165 -32.25 -5.39 -21.53
N GLY B 166 -31.35 -5.12 -22.48
CA GLY B 166 -30.76 -3.79 -22.62
C GLY B 166 -29.30 -3.80 -23.00
N ASN B 167 -28.77 -2.58 -23.13
CA ASN B 167 -27.36 -2.35 -23.49
C ASN B 167 -26.47 -2.19 -22.24
N GLY B 168 -27.10 -1.94 -21.09
CA GLY B 168 -26.37 -1.68 -19.85
C GLY B 168 -25.74 -0.30 -19.78
N SER B 169 -26.31 0.67 -20.52
CA SER B 169 -25.84 2.06 -20.48
C SER B 169 -26.06 2.73 -19.11
N HIS B 170 -27.11 2.32 -18.40
CA HIS B 170 -27.38 2.74 -17.01
C HIS B 170 -26.31 2.35 -15.96
N THR B 171 -25.38 1.46 -16.31
CA THR B 171 -24.24 1.10 -15.46
C THR B 171 -22.98 1.91 -15.76
N ILE B 172 -22.98 2.74 -16.81
CA ILE B 172 -21.83 3.57 -17.13
C ILE B 172 -21.91 4.84 -16.29
N ARG B 173 -20.96 5.03 -15.38
CA ARG B 173 -20.97 6.21 -14.51
C ARG B 173 -20.64 7.46 -15.29
N ASP B 174 -21.34 8.55 -14.97
CA ASP B 174 -21.07 9.86 -15.57
C ASP B 174 -19.90 10.51 -14.83
N LEU B 175 -18.70 9.98 -15.09
CA LEU B 175 -17.54 10.19 -14.21
C LEU B 175 -16.93 11.54 -14.50
N LYS B 176 -16.90 12.39 -13.47
CA LYS B 176 -16.27 13.71 -13.56
C LYS B 176 -14.95 13.68 -12.80
N TYR B 177 -13.89 14.12 -13.46
CA TYR B 177 -12.55 14.16 -12.89
C TYR B 177 -12.24 15.49 -12.25
N THR B 178 -12.94 16.57 -12.63
CA THR B 178 -12.77 17.84 -11.94
C THR B 178 -14.10 18.54 -11.60
N ILE B 179 -14.17 19.11 -10.39
CA ILE B 179 -15.30 19.93 -9.96
C ILE B 179 -15.21 21.28 -10.63
N GLU B 180 -16.32 21.78 -11.14
CA GLU B 180 -16.35 22.94 -12.02
C GLU B 180 -16.08 24.23 -11.25
N ASN B 181 -16.97 24.55 -10.32
CA ASN B 181 -16.84 25.72 -9.44
C ASN B 181 -16.71 25.17 -8.01
N PRO B 182 -15.46 25.04 -7.51
CA PRO B 182 -15.28 24.27 -6.27
C PRO B 182 -15.89 24.90 -5.02
N ARG B 183 -15.65 26.21 -4.83
CA ARG B 183 -16.20 26.95 -3.68
C ARG B 183 -17.72 26.83 -3.61
N HIS B 184 -18.37 26.97 -4.75
CA HIS B 184 -19.80 26.75 -4.88
C HIS B 184 -20.13 25.32 -4.49
N PHE B 185 -19.43 24.35 -5.10
CA PHE B 185 -19.70 22.92 -4.87
C PHE B 185 -19.67 22.51 -3.39
N VAL B 186 -18.69 23.04 -2.64
CA VAL B 186 -18.59 22.82 -1.20
C VAL B 186 -19.66 23.58 -0.42
N ASP B 187 -19.83 24.87 -0.73
CA ASP B 187 -20.94 25.70 -0.21
C ASP B 187 -22.30 25.01 -0.44
N SER B 188 -22.45 24.36 -1.59
CA SER B 188 -23.69 23.67 -2.01
C SER B 188 -24.13 22.55 -1.09
N HIS B 189 -23.20 21.85 -0.46
CA HIS B 189 -23.54 20.74 0.43
C HIS B 189 -23.69 21.14 1.92
N HIS B 190 -23.43 22.40 2.26
CA HIS B 190 -23.69 22.94 3.62
C HIS B 190 -23.13 22.13 4.79
N GLN B 191 -22.00 21.46 4.58
CA GLN B 191 -21.35 20.56 5.58
C GLN B 191 -22.17 19.30 5.93
N LYS B 192 -23.01 18.86 5.00
CA LYS B 192 -23.84 17.66 5.15
C LYS B 192 -23.08 16.48 4.54
N PRO B 193 -22.89 15.38 5.29
CA PRO B 193 -21.96 14.39 4.75
C PRO B 193 -22.42 13.78 3.43
N VAL B 194 -21.45 13.55 2.56
CA VAL B 194 -21.66 13.02 1.23
C VAL B 194 -21.09 11.61 1.21
N ASN B 195 -21.94 10.63 0.93
CA ASN B 195 -21.49 9.24 0.76
C ASN B 195 -20.41 9.18 -0.29
N ALA B 196 -19.34 8.45 -0.02
CA ALA B 196 -18.23 8.33 -0.94
C ALA B 196 -17.46 7.05 -0.75
N ILE B 197 -16.59 6.76 -1.70
CA ILE B 197 -15.72 5.58 -1.66
C ILE B 197 -14.32 6.14 -1.76
N ILE B 198 -13.41 5.59 -0.97
CA ILE B 198 -12.02 6.09 -0.94
C ILE B 198 -11.26 5.18 -1.90
N GLU B 199 -10.78 5.74 -3.02
CA GLU B 199 -10.27 4.91 -4.12
C GLU B 199 -8.78 4.70 -4.08
N HIS B 200 -8.03 5.64 -3.49
CA HIS B 200 -6.53 5.62 -3.38
C HIS B 200 -6.02 6.48 -2.22
N VAL B 201 -4.90 6.10 -1.64
CA VAL B 201 -4.29 6.83 -0.53
C VAL B 201 -2.91 7.35 -0.96
N ARG B 202 -2.80 8.63 -1.33
CA ARG B 202 -1.52 9.24 -1.78
C ARG B 202 -0.51 9.30 -0.63
N ASP B 203 -0.92 9.89 0.50
CA ASP B 203 -0.25 9.72 1.78
C ASP B 203 -1.31 9.62 2.89
N GLY B 204 -0.87 9.41 4.13
CA GLY B 204 -1.80 9.24 5.26
C GLY B 204 -2.87 10.28 5.47
N SER B 205 -2.70 11.48 4.91
CA SER B 205 -3.65 12.58 5.09
C SER B 205 -4.32 13.10 3.82
N VAL B 206 -3.86 12.72 2.63
CA VAL B 206 -4.63 13.02 1.39
C VAL B 206 -4.96 11.78 0.55
N VAL B 207 -6.26 11.67 0.24
CA VAL B 207 -6.89 10.50 -0.41
C VAL B 207 -7.59 10.98 -1.70
N ARG B 208 -8.01 10.00 -2.50
CA ARG B 208 -8.76 10.24 -3.73
C ARG B 208 -10.12 9.65 -3.47
N ALA B 209 -11.15 10.50 -3.40
CA ALA B 209 -12.49 10.06 -3.00
C ALA B 209 -13.49 10.06 -4.16
N LEU B 210 -14.12 8.92 -4.43
CA LEU B 210 -15.24 8.84 -5.36
C LEU B 210 -16.52 9.29 -4.67
N LEU B 211 -16.93 10.54 -4.91
CA LEU B 211 -18.14 11.11 -4.28
C LEU B 211 -19.38 10.59 -4.98
N LEU B 212 -20.44 10.32 -4.21
CA LEU B 212 -21.70 9.78 -4.75
C LEU B 212 -22.85 10.73 -4.39
N PRO B 213 -23.97 10.69 -5.12
CA PRO B 213 -24.20 9.89 -6.34
C PRO B 213 -23.75 10.54 -7.71
N ASP B 214 -23.01 11.65 -7.66
CA ASP B 214 -22.61 12.37 -8.89
C ASP B 214 -21.38 11.81 -9.61
N TYR B 215 -20.64 10.91 -8.96
CA TYR B 215 -19.41 10.31 -9.53
C TYR B 215 -18.34 11.34 -9.90
N TYR B 216 -18.08 12.22 -8.94
CA TYR B 216 -16.91 13.07 -8.97
C TYR B 216 -15.75 12.30 -8.37
N LEU B 217 -14.71 12.01 -9.16
CA LEU B 217 -13.44 11.51 -8.61
C LEU B 217 -12.52 12.68 -8.28
N VAL B 218 -12.27 12.89 -7.01
CA VAL B 218 -11.49 14.04 -6.56
C VAL B 218 -10.58 13.78 -5.37
N THR B 219 -9.66 14.72 -5.18
CA THR B 219 -8.63 14.67 -4.16
C THR B 219 -9.15 15.33 -2.89
N VAL B 220 -9.13 14.56 -1.80
CA VAL B 220 -9.61 15.00 -0.49
C VAL B 220 -8.43 15.04 0.50
N MET B 221 -8.09 16.25 0.93
CA MET B 221 -7.11 16.48 2.01
C MET B 221 -7.79 16.62 3.38
N LEU B 222 -7.37 15.83 4.36
CA LEU B 222 -7.95 15.88 5.71
C LEU B 222 -7.72 17.26 6.36
N SER B 223 -8.83 17.93 6.71
CA SER B 223 -8.81 19.27 7.27
C SER B 223 -8.08 19.30 8.59
N GLY B 224 -7.19 20.31 8.74
CA GLY B 224 -6.48 20.53 9.98
C GLY B 224 -5.23 19.71 10.25
N ILE B 225 -4.85 18.78 9.38
CA ILE B 225 -3.61 17.98 9.59
C ILE B 225 -2.70 17.84 8.35
N LYS B 226 -1.53 17.28 8.59
CA LYS B 226 -0.55 16.97 7.55
C LYS B 226 0.23 15.76 8.06
N CYS B 227 0.30 14.73 7.23
CA CYS B 227 1.11 13.58 7.51
C CYS B 227 2.46 13.83 6.87
N PRO B 228 3.47 13.05 7.23
CA PRO B 228 4.69 13.09 6.43
C PRO B 228 4.42 12.64 4.96
N THR B 229 5.31 13.01 4.05
CA THR B 229 5.01 12.91 2.63
C THR B 229 6.09 12.25 1.79
N PHE B 230 5.65 11.77 0.62
CA PHE B 230 6.50 11.11 -0.35
C PHE B 230 7.06 12.14 -1.32
N ARG B 231 8.39 12.12 -1.44
CA ARG B 231 9.09 12.68 -2.59
C ARG B 231 9.88 11.56 -3.26
N THR B 234 12.79 10.51 -2.13
CA THR B 234 12.66 9.60 -1.00
C THR B 234 11.97 10.20 0.28
N PRO B 235 11.14 9.39 0.96
CA PRO B 235 10.05 9.87 1.78
C PRO B 235 10.46 10.29 3.20
N GLU B 236 9.75 11.27 3.73
CA GLU B 236 9.97 11.76 5.09
C GLU B 236 9.78 10.62 6.10
N PRO B 237 10.38 10.74 7.30
CA PRO B 237 10.08 9.72 8.32
C PRO B 237 8.58 9.55 8.58
N PHE B 238 8.13 8.29 8.60
CA PHE B 238 6.72 7.88 8.85
C PHE B 238 5.71 8.25 7.77
N ALA B 239 6.16 8.48 6.54
CA ALA B 239 5.23 8.69 5.44
C ALA B 239 4.60 7.37 5.07
N ALA B 240 5.45 6.37 4.84
CA ALA B 240 4.98 5.04 4.45
C ALA B 240 4.11 4.41 5.55
N GLU B 241 4.48 4.68 6.79
CA GLU B 241 3.70 4.26 7.95
C GLU B 241 2.36 5.00 8.03
N ALA B 242 2.37 6.32 7.86
CA ALA B 242 1.13 7.12 7.83
C ALA B 242 0.26 6.67 6.69
N LYS B 243 0.83 6.48 5.51
CA LYS B 243 0.06 5.99 4.34
C LYS B 243 -0.63 4.67 4.65
N PHE B 244 0.10 3.71 5.22
CA PHE B 244 -0.46 2.41 5.58
C PHE B 244 -1.56 2.49 6.63
N PHE B 245 -1.36 3.33 7.64
CA PHE B 245 -2.29 3.44 8.74
C PHE B 245 -3.66 3.75 8.18
N THR B 246 -3.72 4.83 7.41
CA THR B 246 -4.95 5.31 6.76
C THR B 246 -5.47 4.34 5.68
N GLU B 247 -4.58 3.81 4.88
CA GLU B 247 -4.90 2.94 3.75
C GLU B 247 -5.54 1.57 4.13
N SER B 248 -5.02 0.93 5.18
CA SER B 248 -5.57 -0.34 5.65
C SER B 248 -6.93 -0.19 6.36
N ARG B 249 -7.24 1.04 6.80
CA ARG B 249 -8.51 1.33 7.45
C ARG B 249 -9.59 1.81 6.50
N LEU B 250 -9.23 2.52 5.41
CA LEU B 250 -10.20 3.26 4.55
C LEU B 250 -10.20 2.98 3.03
N LEU B 251 -9.13 2.39 2.49
CA LEU B 251 -9.07 2.10 1.04
C LEU B 251 -10.23 1.16 0.63
N GLN B 252 -11.00 1.60 -0.36
CA GLN B 252 -12.14 0.88 -0.93
C GLN B 252 -13.24 0.58 0.09
N ARG B 253 -13.37 1.48 1.06
CA ARG B 253 -14.44 1.42 2.02
C ARG B 253 -15.47 2.51 1.68
N ASP B 254 -16.72 2.24 2.07
CA ASP B 254 -17.79 3.22 1.96
C ASP B 254 -17.60 4.16 3.12
N VAL B 255 -17.61 5.46 2.84
CA VAL B 255 -17.49 6.49 3.86
C VAL B 255 -18.40 7.65 3.56
N GLN B 256 -18.46 8.57 4.50
CA GLN B 256 -19.09 9.85 4.28
C GLN B 256 -18.02 10.93 4.49
N ILE B 257 -18.08 11.99 3.72
CA ILE B 257 -17.13 13.09 3.82
C ILE B 257 -17.88 14.38 4.12
N ILE B 258 -17.43 15.13 5.12
CA ILE B 258 -17.86 16.52 5.27
C ILE B 258 -16.92 17.34 4.39
N LEU B 259 -17.46 18.05 3.41
CA LEU B 259 -16.63 18.89 2.54
C LEU B 259 -16.59 20.25 3.21
N GLU B 260 -15.42 20.64 3.69
CA GLU B 260 -15.30 21.76 4.62
C GLU B 260 -14.86 23.04 3.93
N SER B 261 -13.75 22.96 3.20
CA SER B 261 -13.31 24.03 2.26
C SER B 261 -12.56 23.40 1.08
N CYS B 262 -11.83 24.21 0.32
CA CYS B 262 -11.04 23.72 -0.81
C CYS B 262 -9.67 24.40 -0.85
N HIS B 263 -8.68 23.69 -1.39
CA HIS B 263 -7.38 24.26 -1.76
C HIS B 263 -7.06 23.87 -3.19
N ASN B 264 -7.22 24.84 -4.09
CA ASN B 264 -7.08 24.66 -5.53
C ASN B 264 -8.10 23.64 -6.05
N GLN B 265 -7.67 22.58 -6.74
CA GLN B 265 -8.57 21.51 -7.17
C GLN B 265 -8.46 20.32 -6.18
N ASN B 266 -8.37 20.64 -4.89
CA ASN B 266 -8.40 19.67 -3.80
C ASN B 266 -9.45 20.09 -2.78
N ILE B 267 -10.11 19.09 -2.21
CA ILE B 267 -11.20 19.29 -1.24
C ILE B 267 -10.68 19.10 0.20
N LEU B 268 -10.67 20.18 0.98
CA LEU B 268 -10.44 20.08 2.41
C LEU B 268 -11.70 19.48 3.00
N GLY B 269 -11.54 18.41 3.78
CA GLY B 269 -12.66 17.73 4.39
C GLY B 269 -12.31 16.78 5.52
N THR B 270 -13.34 16.11 6.03
CA THR B 270 -13.20 15.16 7.11
C THR B 270 -13.98 13.88 6.80
N ILE B 271 -13.37 12.74 7.12
CA ILE B 271 -13.92 11.41 6.77
C ILE B 271 -14.65 10.81 7.98
N LEU B 272 -15.86 10.34 7.72
CA LEU B 272 -16.67 9.66 8.70
C LEU B 272 -16.66 8.18 8.34
N HIS B 273 -16.46 7.35 9.36
CA HIS B 273 -16.64 5.90 9.28
C HIS B 273 -17.09 5.48 10.67
N PRO B 274 -17.90 4.41 10.80
CA PRO B 274 -18.34 3.95 12.13
C PRO B 274 -17.21 3.63 13.15
N ASN B 275 -16.11 3.06 12.68
CA ASN B 275 -14.99 2.66 13.55
C ASN B 275 -14.23 3.82 14.23
N GLY B 276 -14.27 5.01 13.62
CA GLY B 276 -13.69 6.22 14.23
C GLY B 276 -13.34 7.34 13.24
N ASN B 277 -12.86 8.45 13.78
CA ASN B 277 -12.32 9.58 12.99
C ASN B 277 -10.82 9.39 12.69
N ILE B 278 -10.51 9.16 11.41
CA ILE B 278 -9.12 8.94 10.98
C ILE B 278 -8.23 10.15 11.25
N THR B 279 -8.80 11.37 11.20
CA THR B 279 -8.04 12.59 11.51
C THR B 279 -7.65 12.56 12.99
N GLU B 280 -8.63 12.27 13.86
CA GLU B 280 -8.40 12.26 15.30
C GLU B 280 -7.41 11.15 15.70
N LEU B 281 -7.55 9.98 15.08
CA LEU B 281 -6.57 8.89 15.24
C LEU B 281 -5.12 9.22 14.82
N LEU B 282 -4.92 9.63 13.56
CA LEU B 282 -3.59 9.91 13.00
C LEU B 282 -2.76 10.80 13.91
N LEU B 283 -3.36 11.89 14.40
CA LEU B 283 -2.71 12.73 15.41
C LEU B 283 -2.49 12.00 16.74
N LYS B 284 -3.53 11.34 17.24
CA LYS B 284 -3.48 10.56 18.51
C LYS B 284 -2.41 9.47 18.53
N GLU B 285 -2.11 8.91 17.36
CA GLU B 285 -1.14 7.81 17.21
C GLU B 285 0.23 8.29 16.77
N GLY B 286 0.45 9.61 16.69
CA GLY B 286 1.76 10.16 16.31
C GLY B 286 2.13 10.04 14.84
N PHE B 287 1.13 10.03 13.95
CA PHE B 287 1.35 10.04 12.48
C PHE B 287 1.10 11.38 11.80
N ALA B 288 0.65 12.41 12.53
CA ALA B 288 0.33 13.72 11.95
C ALA B 288 0.56 14.92 12.90
N ARG B 289 0.69 16.11 12.31
CA ARG B 289 0.84 17.38 13.05
C ARG B 289 -0.30 18.30 12.63
N CYS B 290 -0.85 19.02 13.61
CA CYS B 290 -1.91 19.99 13.35
C CYS B 290 -1.34 21.20 12.60
N VAL B 291 -1.80 21.42 11.36
CA VAL B 291 -1.40 22.60 10.56
C VAL B 291 -2.39 23.75 10.79
N ASP B 292 -1.83 24.95 10.93
CA ASP B 292 -2.55 26.09 11.54
C ASP B 292 -3.62 26.70 10.63
N TRP B 293 -3.30 26.85 9.36
CA TRP B 293 -4.24 27.41 8.35
C TRP B 293 -5.55 26.60 8.23
N SER B 294 -5.45 25.32 7.91
CA SER B 294 -6.62 24.54 7.51
C SER B 294 -7.45 24.05 8.67
N ILE B 295 -6.92 24.10 9.89
CA ILE B 295 -7.70 23.65 11.06
C ILE B 295 -8.92 24.54 11.33
N ALA B 296 -8.87 25.81 10.88
CA ALA B 296 -10.05 26.71 10.90
C ALA B 296 -11.34 26.17 10.22
N VAL B 297 -11.18 25.27 9.23
CA VAL B 297 -12.33 24.71 8.51
C VAL B 297 -12.81 23.35 9.07
N TYR B 298 -12.09 22.80 10.06
CA TYR B 298 -12.48 21.52 10.66
C TYR B 298 -13.76 21.75 11.43
N THR B 299 -14.84 21.07 11.05
CA THR B 299 -16.16 21.27 11.65
C THR B 299 -16.34 20.50 12.96
N ARG B 300 -15.83 19.27 12.98
CA ARG B 300 -15.98 18.38 14.15
C ARG B 300 -15.34 18.85 15.48
N GLY B 301 -14.62 19.97 15.49
CA GLY B 301 -14.17 20.59 16.74
C GLY B 301 -12.66 20.65 16.86
N ALA B 302 -12.08 21.83 16.61
CA ALA B 302 -10.62 22.04 16.61
C ALA B 302 -9.89 21.71 17.93
N GLU B 303 -10.62 21.72 19.05
CA GLU B 303 -10.05 21.37 20.36
C GLU B 303 -9.59 19.92 20.43
N LYS B 304 -10.33 19.04 19.76
CA LYS B 304 -10.02 17.62 19.78
C LYS B 304 -8.75 17.26 19.02
N LEU B 305 -8.45 17.96 17.90
CA LEU B 305 -7.24 17.72 17.11
C LEU B 305 -5.97 18.17 17.85
N ARG B 306 -6.05 19.33 18.48
CA ARG B 306 -4.96 19.83 19.35
C ARG B 306 -4.73 18.94 20.59
N ALA B 307 -5.81 18.39 21.13
CA ALA B 307 -5.76 17.44 22.25
C ALA B 307 -5.07 16.12 21.89
N ALA B 308 -5.41 15.56 20.73
CA ALA B 308 -4.81 14.28 20.29
C ALA B 308 -3.35 14.42 19.86
N GLU B 309 -2.99 15.58 19.29
CA GLU B 309 -1.57 15.89 19.07
C GLU B 309 -0.84 15.96 20.40
N ARG B 310 -1.40 16.73 21.33
CA ARG B 310 -0.85 16.83 22.71
C ARG B 310 -0.75 15.46 23.40
N PHE B 311 -1.64 14.54 23.05
CA PHE B 311 -1.54 13.14 23.50
C PHE B 311 -0.31 12.43 22.95
N ALA B 312 -0.08 12.59 21.65
CA ALA B 312 1.08 11.98 20.99
C ALA B 312 2.41 12.62 21.46
N LYS B 313 2.43 13.95 21.56
CA LYS B 313 3.63 14.72 21.90
C LYS B 313 4.13 14.39 23.31
N GLU B 314 3.21 14.31 24.25
CA GLU B 314 3.55 13.97 25.64
C GLU B 314 4.03 12.52 25.81
N ARG B 315 3.55 11.62 24.95
CA ARG B 315 3.92 10.20 24.98
C ARG B 315 5.16 9.85 24.13
N ARG B 316 5.76 10.83 23.46
CA ARG B 316 6.98 10.63 22.64
C ARG B 316 6.74 9.58 21.52
N LEU B 317 5.63 9.72 20.80
CA LEU B 317 5.18 8.73 19.80
C LEU B 317 5.58 9.10 18.37
N ARG B 318 6.27 8.17 17.70
CA ARG B 318 6.68 8.30 16.30
C ARG B 318 7.33 9.64 15.89
N ILE B 319 6.55 10.55 15.33
CA ILE B 319 7.06 11.84 14.86
C ILE B 319 7.54 12.75 16.00
N TRP B 320 7.20 12.38 17.24
CA TRP B 320 7.61 13.09 18.48
C TRP B 320 8.71 12.42 19.31
N ARG B 321 9.32 11.36 18.79
CA ARG B 321 10.46 10.74 19.49
C ARG B 321 11.62 11.73 19.59
N ASP B 322 12.50 11.52 20.55
CA ASP B 322 13.68 12.36 20.68
C ASP B 322 14.74 12.02 19.63
N TYR B 323 14.92 10.73 19.30
CA TYR B 323 15.82 10.32 18.19
C TYR B 323 15.03 10.18 16.88
N VAL B 324 14.65 11.32 16.33
CA VAL B 324 13.84 11.37 15.13
C VAL B 324 14.70 11.82 13.92
N THR C 23 -16.96 -13.58 -43.19
CA THR C 23 -17.32 -12.39 -44.03
C THR C 23 -16.19 -11.34 -44.03
N VAL C 24 -15.36 -11.33 -45.09
CA VAL C 24 -14.22 -10.41 -45.14
C VAL C 24 -14.66 -8.95 -45.27
N GLN C 25 -14.43 -8.16 -44.23
CA GLN C 25 -14.72 -6.71 -44.23
C GLN C 25 -13.46 -5.89 -44.51
N ARG C 26 -13.62 -4.58 -44.66
CA ARG C 26 -12.53 -3.70 -45.09
C ARG C 26 -12.61 -2.35 -44.40
N GLY C 27 -11.45 -1.69 -44.32
CA GLY C 27 -11.38 -0.35 -43.73
C GLY C 27 -10.00 0.29 -43.81
N ILE C 28 -9.89 1.45 -43.16
CA ILE C 28 -8.60 2.11 -42.90
C ILE C 28 -8.32 2.01 -41.38
N ILE C 29 -7.04 1.94 -41.01
CA ILE C 29 -6.67 2.06 -39.59
C ILE C 29 -6.81 3.52 -39.19
N LYS C 30 -7.66 3.76 -38.19
CA LYS C 30 -7.80 5.07 -37.58
C LYS C 30 -6.72 5.19 -36.51
N MET C 31 -6.69 4.20 -35.61
CA MET C 31 -5.69 4.14 -34.56
C MET C 31 -5.51 2.72 -34.04
N VAL C 32 -4.45 2.59 -33.23
CA VAL C 32 -4.08 1.40 -32.46
C VAL C 32 -4.06 1.79 -30.98
N LEU C 33 -4.69 0.96 -30.14
CA LEU C 33 -4.89 1.29 -28.72
C LEU C 33 -3.95 0.52 -27.78
N SER C 34 -4.16 0.75 -26.49
CA SER C 34 -3.72 -0.13 -25.40
C SER C 34 -4.07 -1.60 -25.69
N GLY C 35 -3.06 -2.48 -25.61
CA GLY C 35 -3.22 -3.91 -25.85
C GLY C 35 -3.31 -4.27 -27.31
N CYS C 36 -3.07 -3.29 -28.18
CA CYS C 36 -3.16 -3.51 -29.62
C CYS C 36 -4.55 -3.96 -30.16
N ALA C 37 -5.62 -3.68 -29.41
CA ALA C 37 -6.92 -3.56 -30.01
C ALA C 37 -6.80 -2.37 -30.97
N ILE C 38 -7.36 -2.51 -32.18
CA ILE C 38 -7.18 -1.50 -33.23
C ILE C 38 -8.54 -0.89 -33.54
N ILE C 39 -8.58 0.43 -33.71
CA ILE C 39 -9.78 1.10 -34.20
C ILE C 39 -9.66 1.22 -35.73
N VAL C 40 -10.67 0.67 -36.43
CA VAL C 40 -10.76 0.67 -37.89
C VAL C 40 -11.96 1.53 -38.27
N ARG C 41 -11.80 2.36 -39.28
CA ARG C 41 -12.90 3.19 -39.78
C ARG C 41 -13.15 2.97 -41.30
N GLY C 42 -14.36 3.31 -41.71
CA GLY C 42 -14.70 3.32 -43.11
C GLY C 42 -14.55 4.72 -43.65
N GLN C 43 -15.31 4.97 -44.72
CA GLN C 43 -15.47 6.29 -45.32
C GLN C 43 -16.81 6.90 -44.91
N PRO C 44 -16.87 8.23 -44.76
CA PRO C 44 -18.09 8.85 -44.29
C PRO C 44 -19.18 8.91 -45.37
N GLY C 47 -22.11 12.54 -42.27
CA GLY C 47 -21.51 12.51 -40.94
C GLY C 47 -20.14 11.85 -40.95
N PRO C 48 -19.40 11.89 -39.81
CA PRO C 48 -18.08 11.26 -39.79
C PRO C 48 -18.16 9.73 -39.95
N PRO C 49 -17.05 9.09 -40.37
CA PRO C 49 -17.04 7.63 -40.67
C PRO C 49 -17.50 6.69 -39.56
N PRO C 50 -18.04 5.51 -39.92
CA PRO C 50 -18.37 4.50 -38.91
C PRO C 50 -17.08 3.83 -38.34
N GLU C 51 -16.89 3.87 -37.01
CA GLU C 51 -15.72 3.30 -36.34
C GLU C 51 -16.01 1.97 -35.69
N ARG C 52 -15.09 1.02 -35.82
CA ARG C 52 -15.15 -0.28 -35.18
C ARG C 52 -13.85 -0.50 -34.42
N GLN C 53 -13.94 -1.06 -33.20
CA GLN C 53 -12.75 -1.35 -32.36
C GLN C 53 -12.56 -2.85 -32.34
N ILE C 54 -11.57 -3.35 -33.07
CA ILE C 54 -11.31 -4.79 -33.11
C ILE C 54 -10.22 -5.13 -32.09
N ASN C 55 -10.51 -6.09 -31.22
CA ASN C 55 -9.54 -6.63 -30.26
C ASN C 55 -8.97 -7.90 -30.87
N LEU C 56 -7.63 -8.00 -30.97
CA LEU C 56 -7.01 -9.10 -31.72
C LEU C 56 -7.27 -10.43 -31.05
N SER C 57 -7.89 -11.35 -31.79
CA SER C 57 -8.21 -12.68 -31.30
C SER C 57 -6.93 -13.45 -31.04
N ASN C 58 -7.00 -14.36 -30.06
CA ASN C 58 -5.96 -15.34 -29.75
C ASN C 58 -4.63 -14.75 -29.22
N ILE C 59 -4.53 -13.45 -29.02
CA ILE C 59 -3.28 -12.85 -28.54
C ILE C 59 -3.43 -11.88 -27.36
N ARG C 60 -2.30 -11.59 -26.71
CA ARG C 60 -2.29 -10.70 -25.54
C ARG C 60 -1.08 -9.79 -25.56
N ALA C 61 -1.36 -8.48 -25.53
CA ALA C 61 -0.34 -7.44 -25.41
C ALA C 61 -0.59 -6.68 -24.11
N GLY C 62 0.46 -5.98 -23.65
CA GLY C 62 0.35 -5.20 -22.44
C GLY C 62 -0.59 -4.02 -22.52
N ASN C 63 -1.12 -3.64 -21.37
CA ASN C 63 -1.82 -2.37 -21.23
C ASN C 63 -0.81 -1.23 -21.15
N LEU C 64 -1.10 -0.11 -21.81
CA LEU C 64 -0.30 1.08 -21.71
C LEU C 64 -0.61 1.79 -20.38
N ALA C 65 0.16 2.83 -20.10
CA ALA C 65 -0.07 3.68 -18.93
C ALA C 65 -1.46 4.30 -18.97
N ARG C 66 -1.97 4.63 -17.79
CA ARG C 66 -3.32 5.18 -17.65
C ARG C 66 -3.54 5.78 -16.30
N ARG C 67 -4.56 6.61 -16.23
CA ARG C 67 -4.88 7.40 -15.06
C ARG C 67 -6.28 7.11 -14.61
N ALA C 68 -6.49 7.14 -13.28
CA ALA C 68 -7.84 7.20 -12.72
C ALA C 68 -7.78 7.72 -11.26
N ALA C 69 -7.90 6.83 -10.26
CA ALA C 69 -7.77 7.22 -8.86
C ALA C 69 -6.31 7.52 -8.64
N LYS C 70 -5.46 6.62 -9.13
CA LYS C 70 -4.03 6.88 -9.21
C LYS C 70 -3.50 6.74 -10.64
N ASP C 71 -2.24 7.16 -10.82
CA ASP C 71 -1.45 6.85 -12.04
C ASP C 71 -1.02 5.39 -11.99
N THR C 72 -1.17 4.68 -13.10
CA THR C 72 -0.62 3.33 -13.24
C THR C 72 0.26 3.30 -14.50
N PRO C 73 1.46 2.70 -14.41
CA PRO C 73 2.46 2.82 -15.47
C PRO C 73 2.25 1.86 -16.61
N ASP C 74 3.01 2.02 -17.68
CA ASP C 74 3.14 0.99 -18.74
C ASP C 74 3.54 -0.36 -18.14
N GLU C 75 2.94 -1.43 -18.62
CA GLU C 75 3.48 -2.76 -18.37
C GLU C 75 4.73 -2.92 -19.22
N PRO C 76 5.55 -3.96 -18.95
CA PRO C 76 6.61 -4.29 -19.89
C PRO C 76 6.09 -4.49 -21.30
N TRP C 77 6.81 -3.95 -22.28
CA TRP C 77 6.58 -4.26 -23.70
C TRP C 77 5.24 -3.78 -24.33
N ALA C 78 4.48 -2.93 -23.62
CA ALA C 78 3.18 -2.48 -24.16
C ALA C 78 3.35 -1.33 -25.13
N PHE C 79 4.18 -0.35 -24.78
CA PHE C 79 4.48 0.79 -25.67
C PHE C 79 5.20 0.33 -26.93
N PRO C 80 6.26 -0.49 -26.80
CA PRO C 80 6.90 -0.98 -28.02
C PRO C 80 5.98 -1.80 -28.94
N ALA C 81 4.97 -2.46 -28.37
CA ALA C 81 3.98 -3.17 -29.18
C ALA C 81 3.06 -2.19 -29.92
N ARG C 82 2.55 -1.20 -29.18
CA ARG C 82 1.71 -0.13 -29.76
C ARG C 82 2.45 0.58 -30.85
N GLU C 83 3.71 0.93 -30.60
CA GLU C 83 4.51 1.65 -31.61
C GLU C 83 4.80 0.79 -32.84
N PHE C 84 4.96 -0.52 -32.67
CA PHE C 84 5.24 -1.43 -33.78
C PHE C 84 4.09 -1.43 -34.80
N LEU C 85 2.87 -1.66 -34.31
CA LEU C 85 1.69 -1.63 -35.16
C LEU C 85 1.36 -0.21 -35.64
N ARG C 86 1.70 0.81 -34.85
CA ARG C 86 1.45 2.21 -35.26
C ARG C 86 2.32 2.67 -36.48
N LYS C 87 3.65 2.52 -36.43
CA LYS C 87 4.52 2.83 -37.57
C LYS C 87 4.08 2.06 -38.80
N LYS C 88 3.72 0.81 -38.57
CA LYS C 88 3.40 -0.14 -39.61
C LYS C 88 2.03 0.05 -40.24
N LEU C 89 1.01 0.31 -39.43
CA LEU C 89 -0.40 0.24 -39.89
C LEU C 89 -1.11 1.57 -40.16
N ILE C 90 -0.80 2.63 -39.41
CA ILE C 90 -1.61 3.87 -39.45
C ILE C 90 -1.78 4.35 -40.88
N GLY C 91 -3.01 4.69 -41.25
CA GLY C 91 -3.30 5.17 -42.59
C GLY C 91 -3.47 4.12 -43.67
N LYS C 92 -2.94 2.91 -43.46
CA LYS C 92 -2.99 1.84 -44.48
C LYS C 92 -4.40 1.29 -44.58
N GLU C 93 -4.66 0.55 -45.66
CA GLU C 93 -5.95 -0.10 -45.88
C GLU C 93 -5.84 -1.57 -45.46
N VAL C 94 -6.64 -1.95 -44.46
CA VAL C 94 -6.66 -3.34 -43.96
C VAL C 94 -7.95 -4.04 -44.33
N CYS C 95 -7.97 -5.35 -44.14
CA CYS C 95 -9.22 -6.10 -44.11
C CYS C 95 -9.24 -6.91 -42.82
N PHE C 96 -10.44 -7.19 -42.31
CA PHE C 96 -10.63 -7.88 -41.03
C PHE C 96 -11.76 -8.91 -41.03
N THR C 97 -11.78 -9.76 -39.99
CA THR C 97 -12.83 -10.78 -39.80
C THR C 97 -13.14 -11.00 -38.31
N ILE C 98 -14.42 -10.84 -37.96
CA ILE C 98 -14.91 -10.84 -36.59
C ILE C 98 -15.27 -12.26 -36.13
N GLU C 99 -14.38 -12.89 -35.36
CA GLU C 99 -14.60 -14.27 -34.87
C GLU C 99 -15.67 -14.39 -33.78
N ASN C 100 -15.88 -13.35 -32.99
CA ASN C 100 -16.86 -13.38 -31.90
C ASN C 100 -17.28 -11.97 -31.47
N LYS C 101 -18.44 -11.88 -30.83
CA LYS C 101 -18.95 -10.64 -30.27
C LYS C 101 -19.45 -10.97 -28.85
N THR C 102 -18.80 -10.38 -27.84
CA THR C 102 -19.11 -10.68 -26.44
C THR C 102 -20.31 -9.89 -25.90
N PRO C 103 -20.89 -10.32 -24.76
CA PRO C 103 -21.98 -9.54 -24.14
C PRO C 103 -21.54 -8.17 -23.59
N GLY C 105 -20.12 -5.90 -25.44
CA GLY C 105 -20.11 -5.03 -26.62
C GLY C 105 -18.72 -4.82 -27.23
N ARG C 106 -17.93 -5.90 -27.23
CA ARG C 106 -16.56 -5.91 -27.79
C ARG C 106 -16.49 -6.92 -28.90
N GLU C 107 -15.69 -6.60 -29.90
CA GLU C 107 -15.50 -7.48 -31.05
C GLU C 107 -14.07 -8.01 -31.09
N TYR C 108 -13.94 -9.32 -31.25
CA TYR C 108 -12.64 -9.98 -31.43
C TYR C 108 -12.50 -10.46 -32.86
N GLY C 109 -11.28 -10.36 -33.37
CA GLY C 109 -11.02 -10.75 -34.75
C GLY C 109 -9.57 -10.61 -35.19
N MET C 110 -9.33 -10.89 -36.45
CA MET C 110 -7.99 -10.85 -37.02
C MET C 110 -7.97 -9.78 -38.10
N ILE C 111 -6.90 -8.98 -38.12
CA ILE C 111 -6.68 -7.99 -39.17
C ILE C 111 -5.53 -8.44 -40.08
N TYR C 112 -5.70 -8.18 -41.38
CA TYR C 112 -4.69 -8.47 -42.38
C TYR C 112 -4.39 -7.15 -43.10
N LEU C 113 -3.11 -6.79 -43.14
CA LEU C 113 -2.66 -5.56 -43.77
C LEU C 113 -2.60 -5.81 -45.27
N GLY C 114 -3.72 -5.52 -45.93
CA GLY C 114 -3.84 -5.73 -47.38
C GLY C 114 -5.29 -5.64 -47.84
N LYS C 115 -5.60 -6.37 -48.91
CA LYS C 115 -6.94 -6.47 -49.49
C LYS C 115 -7.55 -7.89 -49.41
N ASP C 116 -6.92 -8.79 -48.65
CA ASP C 116 -7.44 -10.17 -48.53
C ASP C 116 -6.97 -10.90 -47.27
N THR C 117 -7.74 -11.94 -46.93
CA THR C 117 -7.54 -12.73 -45.70
C THR C 117 -6.31 -13.68 -45.74
N ASN C 118 -5.46 -13.54 -46.76
CA ASN C 118 -4.20 -14.28 -46.85
C ASN C 118 -2.95 -13.38 -46.91
N GLY C 119 -3.12 -12.07 -46.77
CA GLY C 119 -1.99 -11.14 -46.68
C GLY C 119 -1.26 -11.24 -45.35
N GLU C 120 -0.79 -10.10 -44.84
CA GLU C 120 -0.01 -10.04 -43.58
C GLU C 120 -0.84 -9.92 -42.28
N ASN C 121 -1.15 -11.08 -41.67
CA ASN C 121 -1.84 -11.17 -40.38
C ASN C 121 -1.04 -10.41 -39.32
N ILE C 122 -1.58 -9.29 -38.84
CA ILE C 122 -0.82 -8.38 -37.94
C ILE C 122 -0.48 -9.01 -36.59
N ALA C 123 -1.27 -9.98 -36.14
CA ALA C 123 -1.02 -10.69 -34.89
C ALA C 123 0.21 -11.56 -35.00
N GLU C 124 0.46 -12.09 -36.19
CA GLU C 124 1.65 -12.90 -36.43
C GLU C 124 2.92 -12.03 -36.40
N SER C 125 2.81 -10.78 -36.88
CA SER C 125 3.91 -9.82 -36.74
C SER C 125 4.26 -9.53 -35.27
N LEU C 126 3.24 -9.30 -34.44
CA LEU C 126 3.43 -8.99 -32.99
C LEU C 126 4.15 -10.07 -32.24
N VAL C 127 3.68 -11.30 -32.41
CA VAL C 127 4.19 -12.44 -31.65
C VAL C 127 5.59 -12.87 -32.11
N ALA C 128 5.92 -12.62 -33.37
CA ALA C 128 7.27 -12.88 -33.87
C ALA C 128 8.27 -11.83 -33.38
N GLU C 129 7.83 -10.59 -33.18
CA GLU C 129 8.67 -9.57 -32.55
C GLU C 129 8.80 -9.77 -31.03
N GLY C 130 8.01 -10.68 -30.47
CA GLY C 130 7.90 -10.86 -29.03
C GLY C 130 7.15 -9.71 -28.37
N LEU C 131 6.36 -8.99 -29.14
CA LEU C 131 5.62 -7.86 -28.62
C LEU C 131 4.20 -8.25 -28.21
N ALA C 132 3.86 -9.53 -28.39
CA ALA C 132 2.66 -10.12 -27.81
C ALA C 132 2.83 -11.64 -27.57
N THR C 133 1.78 -12.27 -27.05
CA THR C 133 1.76 -13.71 -26.79
C THR C 133 0.38 -14.33 -27.04
N ARG C 134 0.35 -15.66 -27.08
CA ARG C 134 -0.90 -16.41 -27.25
C ARG C 134 -1.68 -16.35 -25.96
N ARG C 135 -3.01 -16.29 -26.05
CA ARG C 135 -3.86 -16.28 -24.85
C ARG C 135 -3.77 -17.61 -24.12
N GLU C 136 -3.99 -17.59 -22.80
CA GLU C 136 -3.77 -18.74 -21.92
C GLU C 136 -5.11 -19.19 -21.33
N ASN C 141 -6.24 -28.04 -32.13
CA ASN C 141 -5.29 -27.26 -32.93
C ASN C 141 -5.72 -27.14 -34.39
N ASN C 142 -5.10 -26.19 -35.09
CA ASN C 142 -5.60 -25.72 -36.39
C ASN C 142 -4.54 -24.83 -37.09
N PRO C 143 -4.66 -24.64 -38.44
CA PRO C 143 -3.67 -23.84 -39.20
C PRO C 143 -3.38 -22.45 -38.62
N GLU C 144 -4.44 -21.71 -38.29
CA GLU C 144 -4.30 -20.36 -37.71
C GLU C 144 -3.50 -20.40 -36.40
N GLN C 145 -3.84 -21.37 -35.56
CA GLN C 145 -3.18 -21.52 -34.25
C GLN C 145 -1.76 -22.07 -34.39
N ASN C 146 -1.56 -22.95 -35.37
CA ASN C 146 -0.21 -23.41 -35.72
C ASN C 146 0.73 -22.26 -36.16
N ARG C 147 0.25 -21.36 -37.03
CA ARG C 147 1.05 -20.22 -37.50
CA ARG C 147 1.05 -20.22 -37.50
C ARG C 147 1.51 -19.32 -36.34
N LEU C 148 0.59 -19.03 -35.40
CA LEU C 148 0.95 -18.26 -34.20
C LEU C 148 2.02 -18.95 -33.34
N SER C 149 1.96 -20.28 -33.23
CA SER C 149 2.96 -21.01 -32.48
C SER C 149 4.33 -20.86 -33.14
N GLU C 150 4.38 -21.15 -34.45
CA GLU C 150 5.62 -20.99 -35.23
C GLU C 150 6.27 -19.62 -35.06
N CYS C 151 5.44 -18.59 -34.94
CA CYS C 151 5.94 -17.24 -34.66
C CYS C 151 6.50 -17.11 -33.24
N GLU C 152 5.77 -17.63 -32.26
CA GLU C 152 6.18 -17.51 -30.85
C GLU C 152 7.45 -18.30 -30.55
N GLU C 153 7.62 -19.47 -31.17
CA GLU C 153 8.84 -20.28 -30.98
C GLU C 153 10.06 -19.58 -31.57
N GLN C 154 9.87 -18.98 -32.74
CA GLN C 154 10.94 -18.21 -33.42
C GLN C 154 11.40 -17.03 -32.57
N ALA C 155 10.43 -16.20 -32.17
CA ALA C 155 10.67 -15.05 -31.29
C ALA C 155 11.42 -15.42 -30.01
N LYS C 156 10.96 -16.49 -29.36
CA LYS C 156 11.57 -17.00 -28.13
C LYS C 156 12.99 -17.56 -28.40
N ALA C 157 13.16 -18.26 -29.52
CA ALA C 157 14.47 -18.81 -29.93
C ALA C 157 15.41 -17.80 -30.62
N ALA C 158 14.99 -16.53 -30.74
CA ALA C 158 15.88 -15.43 -31.16
C ALA C 158 15.87 -14.25 -30.19
N LYS C 159 15.39 -14.46 -28.95
CA LYS C 159 15.53 -13.49 -27.87
C LYS C 159 14.97 -12.08 -28.22
N LYS C 160 13.77 -12.05 -28.81
CA LYS C 160 13.11 -10.78 -29.15
C LYS C 160 12.05 -10.39 -28.11
N GLY C 161 11.93 -9.07 -27.90
CA GLY C 161 10.90 -8.50 -27.03
C GLY C 161 10.90 -9.08 -25.64
N MET C 162 9.73 -9.47 -25.16
CA MET C 162 9.54 -10.03 -23.82
C MET C 162 10.34 -11.33 -23.54
N TRP C 163 10.86 -11.95 -24.60
CA TRP C 163 11.78 -13.11 -24.49
C TRP C 163 13.28 -12.72 -24.44
N SER C 164 13.58 -11.44 -24.22
CA SER C 164 14.94 -10.98 -23.94
C SER C 164 15.29 -11.20 -22.48
N GLU C 165 16.59 -11.30 -22.20
CA GLU C 165 17.07 -11.45 -20.82
C GLU C 165 16.76 -10.15 -20.10
N GLY C 166 15.84 -10.21 -19.14
CA GLY C 166 15.49 -9.06 -18.32
C GLY C 166 14.03 -8.97 -17.95
N ASN C 167 13.71 -7.91 -17.23
CA ASN C 167 12.34 -7.64 -16.78
C ASN C 167 11.57 -6.74 -17.77
N GLY C 168 12.30 -6.08 -18.67
CA GLY C 168 11.71 -5.13 -19.61
C GLY C 168 11.31 -3.81 -18.99
N SER C 169 11.96 -3.43 -17.89
CA SER C 169 11.74 -2.13 -17.24
C SER C 169 12.15 -0.93 -18.12
N HIS C 170 13.15 -1.12 -18.99
CA HIS C 170 13.55 -0.11 -19.99
C HIS C 170 12.46 0.26 -21.06
N THR C 171 11.39 -0.53 -21.14
CA THR C 171 10.25 -0.24 -22.02
C THR C 171 9.11 0.51 -21.31
N ILE C 172 9.21 0.70 -20.00
CA ILE C 172 8.20 1.45 -19.26
C ILE C 172 8.53 2.93 -19.38
N ARG C 173 7.66 3.70 -20.03
CA ARG C 173 7.91 5.12 -20.22
C ARG C 173 7.76 5.88 -18.92
N ASP C 174 8.64 6.84 -18.69
CA ASP C 174 8.58 7.72 -17.51
C ASP C 174 7.58 8.83 -17.79
N LEU C 175 6.29 8.46 -17.77
CA LEU C 175 5.23 9.25 -18.40
C LEU C 175 4.84 10.38 -17.47
N LYS C 176 5.01 11.61 -17.95
CA LYS C 176 4.60 12.81 -17.21
C LYS C 176 3.34 13.38 -17.85
N TYR C 177 2.33 13.61 -17.02
CA TYR C 177 1.05 14.13 -17.44
C TYR C 177 0.99 15.64 -17.34
N THR C 178 1.84 16.26 -16.53
CA THR C 178 1.91 17.72 -16.49
C THR C 178 3.34 18.27 -16.52
N ILE C 179 3.54 19.37 -17.25
CA ILE C 179 4.84 20.08 -17.28
C ILE C 179 4.91 20.91 -15.99
N GLU C 180 6.07 20.89 -15.33
CA GLU C 180 6.19 21.50 -14.00
C GLU C 180 6.19 23.03 -14.05
N ASN C 181 7.18 23.59 -14.75
CA ASN C 181 7.29 25.04 -14.99
C ASN C 181 7.14 25.26 -16.50
N PRO C 182 5.91 25.59 -16.96
CA PRO C 182 5.67 25.55 -18.41
C PRO C 182 6.42 26.61 -19.21
N ARG C 183 6.41 27.86 -18.74
CA ARG C 183 7.13 28.96 -19.41
C ARG C 183 8.60 28.64 -19.58
N HIS C 184 9.22 28.11 -18.53
CA HIS C 184 10.59 27.61 -18.58
C HIS C 184 10.69 26.52 -19.64
N PHE C 185 9.83 25.51 -19.55
CA PHE C 185 9.87 24.34 -20.45
C PHE C 185 9.83 24.71 -21.95
N VAL C 186 9.00 25.70 -22.30
CA VAL C 186 8.91 26.24 -23.67
C VAL C 186 10.14 27.09 -24.01
N ASP C 187 10.50 28.01 -23.12
CA ASP C 187 11.76 28.78 -23.22
C ASP C 187 12.97 27.86 -23.42
N SER C 188 12.95 26.72 -22.72
CA SER C 188 14.04 25.72 -22.77
C SER C 188 14.34 25.13 -24.12
N HIS C 189 13.33 25.00 -24.97
CA HIS C 189 13.53 24.43 -26.31
C HIS C 189 13.80 25.47 -27.41
N HIS C 190 13.79 26.76 -27.09
CA HIS C 190 14.18 27.85 -28.01
C HIS C 190 13.55 27.81 -29.42
N GLN C 191 12.31 27.31 -29.51
CA GLN C 191 11.58 27.12 -30.79
C GLN C 191 12.20 26.10 -31.74
N LYS C 192 12.91 25.13 -31.17
CA LYS C 192 13.54 24.04 -31.94
C LYS C 192 12.58 22.84 -31.93
N PRO C 193 12.24 22.30 -33.13
CA PRO C 193 11.14 21.34 -33.10
C PRO C 193 11.43 20.09 -32.26
N VAL C 194 10.39 19.63 -31.58
CA VAL C 194 10.45 18.48 -30.70
C VAL C 194 9.67 17.36 -31.34
N ASN C 195 10.33 16.24 -31.62
CA ASN C 195 9.66 15.04 -32.09
C ASN C 195 8.53 14.65 -31.17
N ALA C 196 7.37 14.34 -31.74
CA ALA C 196 6.20 13.99 -30.94
C ALA C 196 5.24 13.11 -31.71
N ILE C 197 4.28 12.55 -30.97
CA ILE C 197 3.25 11.70 -31.55
C ILE C 197 1.96 12.35 -31.15
N ILE C 198 1.00 12.42 -32.06
CA ILE C 198 -0.29 13.08 -31.79
C ILE C 198 -1.22 11.95 -31.37
N GLU C 199 -1.67 11.98 -30.11
CA GLU C 199 -2.35 10.81 -29.51
C GLU C 199 -3.85 10.88 -29.58
N HIS C 200 -4.40 12.11 -29.64
CA HIS C 200 -5.89 12.39 -29.68
C HIS C 200 -6.18 13.77 -30.27
N VAL C 201 -7.34 13.90 -30.91
CA VAL C 201 -7.75 15.16 -31.51
C VAL C 201 -9.07 15.62 -30.84
N ARG C 202 -8.98 16.57 -29.88
CA ARG C 202 -10.16 17.07 -29.17
C ARG C 202 -11.10 17.85 -30.10
N ASP C 203 -10.55 18.84 -30.80
CA ASP C 203 -11.18 19.41 -31.99
C ASP C 203 -10.09 19.70 -33.03
N GLY C 204 -10.49 20.19 -34.20
CA GLY C 204 -9.56 20.43 -35.31
C GLY C 204 -8.31 21.26 -35.03
N SER C 205 -8.32 22.05 -33.95
CA SER C 205 -7.20 22.91 -33.59
C SER C 205 -6.52 22.64 -32.25
N VAL C 206 -7.08 21.80 -31.39
CA VAL C 206 -6.34 21.35 -30.18
C VAL C 206 -6.24 19.82 -30.06
N VAL C 207 -5.00 19.37 -29.89
CA VAL C 207 -4.59 17.96 -29.91
C VAL C 207 -3.89 17.62 -28.58
N ARG C 208 -3.67 16.33 -28.37
CA ARG C 208 -2.93 15.82 -27.21
C ARG C 208 -1.67 15.22 -27.79
N ALA C 209 -0.53 15.81 -27.47
CA ALA C 209 0.75 15.43 -28.09
C ALA C 209 1.68 14.72 -27.12
N LEU C 210 2.11 13.48 -27.47
CA LEU C 210 3.16 12.79 -26.72
C LEU C 210 4.52 13.29 -27.16
N LEU C 211 5.11 14.18 -26.35
CA LEU C 211 6.43 14.77 -26.68
C LEU C 211 7.53 13.77 -26.36
N LEU C 212 8.57 13.73 -27.21
CA LEU C 212 9.70 12.80 -27.05
C LEU C 212 11.02 13.59 -26.95
N PRO C 213 12.08 13.02 -26.37
CA PRO C 213 12.12 11.70 -25.70
C PRO C 213 11.71 11.66 -24.18
N ASP C 214 11.17 12.76 -23.65
CA ASP C 214 10.85 12.85 -22.21
C ASP C 214 9.51 12.22 -21.81
N TYR C 215 8.65 11.89 -22.77
CA TYR C 215 7.32 11.30 -22.52
C TYR C 215 6.41 12.19 -21.66
N TYR C 216 6.34 13.45 -22.05
CA TYR C 216 5.34 14.37 -21.57
C TYR C 216 4.09 14.20 -22.43
N LEU C 217 3.00 13.74 -21.83
CA LEU C 217 1.68 13.78 -22.51
C LEU C 217 0.98 15.09 -22.19
N VAL C 218 0.81 15.94 -23.19
CA VAL C 218 0.24 17.27 -22.98
C VAL C 218 -0.64 17.76 -24.13
N THR C 219 -1.39 18.81 -23.79
CA THR C 219 -2.38 19.42 -24.68
C THR C 219 -1.69 20.52 -25.50
N VAL C 220 -1.79 20.39 -26.82
CA VAL C 220 -1.18 21.35 -27.76
C VAL C 220 -2.30 22.06 -28.54
N MET C 221 -2.44 23.37 -28.31
CA MET C 221 -3.33 24.22 -29.14
C MET C 221 -2.57 24.92 -30.26
N LEU C 222 -3.05 24.77 -31.50
CA LEU C 222 -2.40 25.38 -32.67
C LEU C 222 -2.36 26.91 -32.57
N SER C 223 -1.15 27.48 -32.57
CA SER C 223 -0.92 28.91 -32.42
C SER C 223 -1.58 29.69 -33.54
N GLY C 224 -2.28 30.76 -33.17
CA GLY C 224 -2.88 31.67 -34.11
C GLY C 224 -4.23 31.30 -34.70
N ILE C 225 -4.80 30.13 -34.37
CA ILE C 225 -6.15 29.76 -34.89
C ILE C 225 -7.14 29.18 -33.86
N LYS C 226 -8.36 29.00 -34.29
CA LYS C 226 -9.42 28.39 -33.51
C LYS C 226 -10.36 27.72 -34.51
N CYS C 227 -10.64 26.45 -34.28
CA CYS C 227 -11.62 25.73 -35.06
C CYS C 227 -12.93 25.87 -34.33
N PRO C 228 -14.04 25.54 -34.99
CA PRO C 228 -15.27 25.38 -34.22
C PRO C 228 -15.16 24.25 -33.18
N THR C 229 -16.04 24.28 -32.16
CA THR C 229 -15.83 23.47 -30.98
C THR C 229 -17.03 22.67 -30.53
N PHE C 230 -16.74 21.62 -29.76
CA PHE C 230 -17.75 20.72 -29.20
C PHE C 230 -18.17 21.19 -27.83
N ARG C 231 -19.47 21.46 -27.66
CA ARG C 231 -20.01 22.10 -26.45
C ARG C 231 -21.17 21.29 -25.97
N PRO C 235 -22.71 20.89 -30.91
CA PRO C 235 -21.44 21.43 -31.42
C PRO C 235 -21.61 22.47 -32.51
N GLU C 236 -20.69 23.41 -32.55
CA GLU C 236 -20.76 24.53 -33.49
C GLU C 236 -20.69 23.99 -34.93
N PRO C 237 -21.21 24.76 -35.92
CA PRO C 237 -21.05 24.28 -37.29
C PRO C 237 -19.58 24.01 -37.67
N PHE C 238 -19.35 22.86 -38.31
CA PHE C 238 -18.02 22.39 -38.79
C PHE C 238 -17.02 22.04 -37.71
N ALA C 239 -17.48 21.72 -36.51
CA ALA C 239 -16.57 21.22 -35.47
C ALA C 239 -16.19 19.79 -35.82
N ALA C 240 -17.20 18.96 -36.08
CA ALA C 240 -16.96 17.56 -36.39
C ALA C 240 -16.16 17.41 -37.70
N GLU C 241 -16.42 18.29 -38.64
CA GLU C 241 -15.66 18.36 -39.88
C GLU C 241 -14.21 18.82 -39.64
N ALA C 242 -14.03 19.88 -38.85
CA ALA C 242 -12.68 20.35 -38.49
C ALA C 242 -11.94 19.27 -37.74
N LYS C 243 -12.60 18.61 -36.77
CA LYS C 243 -11.97 17.52 -36.02
C LYS C 243 -11.48 16.41 -36.97
N PHE C 244 -12.33 15.99 -37.89
CA PHE C 244 -11.97 14.95 -38.85
C PHE C 244 -10.83 15.34 -39.78
N PHE C 245 -10.86 16.58 -40.26
CA PHE C 245 -9.86 17.05 -41.20
C PHE C 245 -8.48 16.82 -40.60
N THR C 246 -8.28 17.37 -39.40
CA THR C 246 -7.03 17.28 -38.65
C THR C 246 -6.71 15.84 -38.19
N GLU C 247 -7.73 15.13 -37.72
CA GLU C 247 -7.59 13.79 -37.17
C GLU C 247 -7.17 12.70 -38.19
N SER C 248 -7.73 12.72 -39.40
CA SER C 248 -7.38 11.78 -40.45
C SER C 248 -5.98 12.04 -41.04
N ARG C 249 -5.46 13.25 -40.85
CA ARG C 249 -4.12 13.61 -41.32
C ARG C 249 -3.02 13.39 -40.30
N LEU C 250 -3.32 13.53 -38.98
CA LEU C 250 -2.30 13.60 -37.89
C LEU C 250 -2.41 12.64 -36.70
N LEU C 251 -3.58 12.05 -36.46
CA LEU C 251 -3.75 11.11 -35.33
C LEU C 251 -2.79 9.91 -35.49
N GLN C 252 -1.99 9.69 -34.43
CA GLN C 252 -1.02 8.60 -34.34
C GLN C 252 0.06 8.65 -35.40
N ARG C 253 0.39 9.88 -35.82
CA ARG C 253 1.48 10.12 -36.72
C ARG C 253 2.67 10.71 -35.96
N ASP C 254 3.87 10.47 -36.47
CA ASP C 254 5.08 11.07 -35.94
C ASP C 254 5.12 12.48 -36.49
N VAL C 255 5.31 13.46 -35.61
CA VAL C 255 5.41 14.86 -36.01
C VAL C 255 6.49 15.55 -35.20
N GLN C 256 6.76 16.78 -35.57
CA GLN C 256 7.55 17.69 -34.78
C GLN C 256 6.68 18.87 -34.41
N ILE C 257 6.88 19.41 -33.22
CA ILE C 257 6.12 20.56 -32.74
C ILE C 257 7.09 21.69 -32.39
N ILE C 258 6.82 22.89 -32.88
CA ILE C 258 7.48 24.09 -32.35
C ILE C 258 6.64 24.52 -31.15
N LEU C 259 7.25 24.55 -29.97
CA LEU C 259 6.52 25.00 -28.78
C LEU C 259 6.73 26.49 -28.69
N GLU C 260 5.65 27.26 -28.89
CA GLU C 260 5.77 28.69 -29.15
C GLU C 260 5.50 29.52 -27.89
N SER C 261 4.37 29.26 -27.25
CA SER C 261 4.07 29.79 -25.89
C SER C 261 3.18 28.82 -25.13
N CYS C 262 2.55 29.26 -24.05
CA CYS C 262 1.64 28.42 -23.27
C CYS C 262 0.42 29.21 -22.83
N HIS C 263 -0.71 28.50 -22.69
CA HIS C 263 -1.93 29.03 -22.08
C HIS C 263 -2.41 28.06 -21.01
N ASN C 264 -2.15 28.42 -19.75
CA ASN C 264 -2.41 27.58 -18.57
C ASN C 264 -1.58 26.29 -18.65
N GLN C 265 -2.20 25.12 -18.55
CA GLN C 265 -1.48 23.84 -18.74
C GLN C 265 -1.76 23.32 -20.18
N ASN C 266 -1.73 24.24 -21.14
CA ASN C 266 -1.80 23.93 -22.57
C ASN C 266 -0.63 24.61 -23.28
N ILE C 267 -0.11 23.93 -24.29
CA ILE C 267 1.04 24.40 -25.08
C ILE C 267 0.57 25.01 -26.40
N LEU C 268 0.77 26.32 -26.55
CA LEU C 268 0.59 26.98 -27.83
C LEU C 268 1.77 26.53 -28.69
N GLY C 269 1.46 26.02 -29.88
CA GLY C 269 2.48 25.54 -30.79
C GLY C 269 2.05 25.35 -32.22
N THR C 270 2.97 24.85 -33.03
CA THR C 270 2.74 24.58 -34.44
C THR C 270 3.28 23.20 -34.81
N ILE C 271 2.52 22.47 -35.63
CA ILE C 271 2.82 21.08 -36.00
C ILE C 271 3.52 21.03 -37.37
N LEU C 272 4.60 20.30 -37.41
CA LEU C 272 5.34 20.06 -38.63
C LEU C 272 5.08 18.62 -39.04
N HIS C 273 4.79 18.44 -40.33
CA HIS C 273 4.73 17.13 -40.98
C HIS C 273 5.18 17.36 -42.40
N PRO C 274 5.82 16.37 -43.06
CA PRO C 274 6.25 16.54 -44.47
C PRO C 274 5.14 16.96 -45.47
N ASN C 275 3.93 16.42 -45.29
CA ASN C 275 2.82 16.66 -46.22
C ASN C 275 2.29 18.12 -46.22
N GLY C 276 2.47 18.85 -45.11
CA GLY C 276 2.12 20.27 -45.03
C GLY C 276 1.90 20.80 -43.62
N ASN C 277 1.63 22.09 -43.53
CA ASN C 277 1.24 22.77 -42.28
C ASN C 277 -0.29 22.70 -42.03
N ILE C 278 -0.68 21.92 -41.02
CA ILE C 278 -2.10 21.76 -40.69
C ILE C 278 -2.79 23.08 -40.33
N THR C 279 -2.05 24.01 -39.70
CA THR C 279 -2.59 25.33 -39.36
C THR C 279 -2.90 26.08 -40.65
N GLU C 280 -1.93 26.11 -41.58
CA GLU C 280 -2.09 26.83 -42.85
C GLU C 280 -3.21 26.23 -43.70
N LEU C 281 -3.28 24.90 -43.74
CA LEU C 281 -4.42 24.20 -44.37
C LEU C 281 -5.82 24.51 -43.79
N LEU C 282 -6.01 24.29 -42.49
CA LEU C 282 -7.32 24.47 -41.82
C LEU C 282 -7.95 25.82 -42.15
N LEU C 283 -7.17 26.89 -42.08
CA LEU C 283 -7.62 28.20 -42.52
C LEU C 283 -7.88 28.26 -44.03
N LYS C 284 -6.94 27.76 -44.82
CA LYS C 284 -7.05 27.72 -46.31
C LYS C 284 -8.28 26.97 -46.82
N GLU C 285 -8.72 25.96 -46.08
CA GLU C 285 -9.85 25.10 -46.43
C GLU C 285 -11.16 25.52 -45.76
N GLY C 286 -11.17 26.65 -45.05
CA GLY C 286 -12.39 27.16 -44.41
C GLY C 286 -12.84 26.40 -43.16
N PHE C 287 -11.90 25.80 -42.42
CA PHE C 287 -12.19 25.13 -41.13
C PHE C 287 -11.76 25.93 -39.88
N ALA C 288 -11.12 27.09 -40.05
CA ALA C 288 -10.62 27.87 -38.92
C ALA C 288 -10.62 29.42 -39.14
N ARG C 289 -10.58 30.17 -38.05
CA ARG C 289 -10.48 31.63 -38.07
C ARG C 289 -9.23 32.03 -37.29
N CYS C 290 -8.51 33.03 -37.80
CA CYS C 290 -7.32 33.55 -37.15
C CYS C 290 -7.72 34.33 -35.88
N VAL C 291 -7.29 33.84 -34.71
CA VAL C 291 -7.53 34.53 -33.43
C VAL C 291 -6.36 35.47 -33.11
N ASP C 292 -6.71 36.67 -32.62
CA ASP C 292 -5.80 37.83 -32.64
C ASP C 292 -4.69 37.75 -31.60
N TRP C 293 -5.04 37.31 -30.38
CA TRP C 293 -4.07 37.16 -29.28
C TRP C 293 -2.91 36.20 -29.61
N SER C 294 -3.23 34.95 -29.95
CA SER C 294 -2.21 33.90 -30.01
C SER C 294 -1.43 33.91 -31.28
N ILE C 295 -1.87 34.62 -32.31
CA ILE C 295 -1.11 34.67 -33.57
C ILE C 295 0.24 35.36 -33.42
N ALA C 296 0.38 36.24 -32.42
CA ALA C 296 1.68 36.83 -32.04
C ALA C 296 2.83 35.82 -31.74
N VAL C 297 2.49 34.61 -31.30
CA VAL C 297 3.49 33.60 -31.00
C VAL C 297 3.77 32.62 -32.16
N TYR C 298 3.03 32.74 -33.26
CA TYR C 298 3.22 31.87 -34.44
C TYR C 298 4.56 32.23 -35.05
N THR C 299 5.49 31.27 -35.09
CA THR C 299 6.87 31.53 -35.57
C THR C 299 6.96 31.47 -37.09
N ARG C 300 6.27 30.52 -37.70
CA ARG C 300 6.33 30.30 -39.15
C ARG C 300 5.84 31.47 -40.06
N GLY C 301 5.30 32.55 -39.49
CA GLY C 301 5.02 33.77 -40.25
C GLY C 301 3.53 34.11 -40.28
N ALA C 302 3.14 35.10 -39.47
CA ALA C 302 1.73 35.51 -39.32
C ALA C 302 1.02 35.97 -40.60
N GLU C 303 1.79 36.42 -41.60
CA GLU C 303 1.23 36.83 -42.91
C GLU C 303 0.56 35.70 -43.65
N LYS C 304 1.12 34.50 -43.52
CA LYS C 304 0.60 33.33 -44.21
C LYS C 304 -0.76 32.86 -43.67
N LEU C 305 -0.99 32.97 -42.35
CA LEU C 305 -2.27 32.57 -41.72
C LEU C 305 -3.40 33.52 -42.11
N ARG C 306 -3.12 34.82 -42.10
CA ARG C 306 -4.07 35.83 -42.57
C ARG C 306 -4.38 35.70 -44.07
N ALA C 307 -3.38 35.34 -44.86
CA ALA C 307 -3.53 35.06 -46.29
C ALA C 307 -4.43 33.88 -46.60
N ALA C 308 -4.25 32.78 -45.88
CA ALA C 308 -5.06 31.56 -46.10
C ALA C 308 -6.49 31.71 -45.60
N GLU C 309 -6.69 32.48 -44.53
CA GLU C 309 -8.04 32.88 -44.13
C GLU C 309 -8.69 33.70 -45.22
N ARG C 310 -7.98 34.73 -45.69
CA ARG C 310 -8.44 35.56 -46.81
C ARG C 310 -8.73 34.74 -48.08
N PHE C 311 -8.02 33.64 -48.26
CA PHE C 311 -8.31 32.67 -49.34
C PHE C 311 -9.66 31.99 -49.16
N ALA C 312 -9.93 31.53 -47.94
CA ALA C 312 -11.20 30.87 -47.62
C ALA C 312 -12.38 31.85 -47.66
N LYS C 313 -12.19 33.04 -47.09
CA LYS C 313 -13.24 34.06 -46.97
C LYS C 313 -13.72 34.56 -48.33
N GLU C 314 -12.78 34.81 -49.23
CA GLU C 314 -13.11 35.25 -50.60
C GLU C 314 -13.81 34.17 -51.44
N ARG C 315 -13.51 32.90 -51.14
CA ARG C 315 -14.09 31.75 -51.86
C ARG C 315 -15.40 31.21 -51.23
N ARG C 316 -15.88 31.84 -50.14
CA ARG C 316 -17.15 31.47 -49.48
C ARG C 316 -17.15 29.99 -49.03
N LEU C 317 -16.06 29.58 -48.37
CA LEU C 317 -15.83 28.16 -48.00
C LEU C 317 -16.24 27.85 -46.56
N ARG C 318 -17.10 26.84 -46.40
CA ARG C 318 -17.56 26.33 -45.10
C ARG C 318 -17.99 27.39 -44.08
N ILE C 319 -17.10 27.76 -43.15
CA ILE C 319 -17.43 28.73 -42.11
C ILE C 319 -17.69 30.14 -42.65
N TRP C 320 -17.35 30.37 -43.92
CA TRP C 320 -17.56 31.64 -44.64
C TRP C 320 -18.74 31.67 -45.64
N ARG C 321 -19.52 30.60 -45.69
CA ARG C 321 -20.74 30.60 -46.53
C ARG C 321 -21.71 31.62 -45.93
N ASP C 322 -22.63 32.14 -46.75
CA ASP C 322 -23.69 32.99 -46.21
C ASP C 322 -24.76 32.21 -45.40
N THR D 23 -11.41 -44.60 12.86
CA THR D 23 -11.42 -43.12 12.69
C THR D 23 -11.12 -42.55 14.08
N VAL D 24 -10.65 -41.31 14.17
CA VAL D 24 -10.29 -40.66 15.45
C VAL D 24 -9.78 -39.23 15.18
N GLN D 25 -10.51 -38.19 15.58
CA GLN D 25 -10.01 -36.81 15.53
C GLN D 25 -9.47 -36.35 16.88
N ARG D 26 -8.87 -35.16 16.93
CA ARG D 26 -8.17 -34.66 18.12
C ARG D 26 -8.37 -33.18 18.31
N GLY D 27 -8.20 -32.72 19.55
CA GLY D 27 -8.28 -31.30 19.88
C GLY D 27 -7.98 -30.96 21.33
N ILE D 28 -8.19 -29.69 21.67
CA ILE D 28 -8.23 -29.22 23.06
C ILE D 28 -9.68 -28.85 23.41
N ILE D 29 -10.06 -29.02 24.66
CA ILE D 29 -11.34 -28.50 25.16
C ILE D 29 -11.24 -26.98 25.27
N LYS D 30 -12.11 -26.29 24.53
CA LYS D 30 -12.25 -24.85 24.65
C LYS D 30 -13.20 -24.57 25.81
N MET D 31 -14.37 -25.20 25.73
CA MET D 31 -15.38 -25.09 26.77
C MET D 31 -16.35 -26.26 26.76
N VAL D 32 -17.15 -26.30 27.83
CA VAL D 32 -18.27 -27.22 28.06
C VAL D 32 -19.54 -26.38 28.26
N LEU D 33 -20.61 -26.76 27.56
CA LEU D 33 -21.84 -25.94 27.52
C LEU D 33 -22.99 -26.50 28.37
N SER D 34 -24.13 -25.83 28.26
CA SER D 34 -25.44 -26.38 28.63
C SER D 34 -25.65 -27.78 28.04
N GLY D 35 -26.02 -28.73 28.91
CA GLY D 35 -26.29 -30.12 28.49
C GLY D 35 -25.02 -30.92 28.24
N CYS D 36 -23.87 -30.35 28.60
CA CYS D 36 -22.59 -30.98 28.37
C CYS D 36 -22.24 -31.35 26.90
N ALA D 37 -22.86 -30.65 25.95
CA ALA D 37 -22.26 -30.51 24.63
C ALA D 37 -20.96 -29.75 24.89
N ILE D 38 -19.87 -30.18 24.24
CA ILE D 38 -18.55 -29.62 24.51
C ILE D 38 -18.05 -28.93 23.25
N ILE D 39 -17.45 -27.76 23.41
CA ILE D 39 -16.77 -27.10 22.30
C ILE D 39 -15.29 -27.51 22.33
N VAL D 40 -14.82 -28.06 21.22
CA VAL D 40 -13.44 -28.53 21.04
C VAL D 40 -12.80 -27.66 19.97
N ARG D 41 -11.56 -27.25 20.17
CA ARG D 41 -10.82 -26.44 19.21
C ARG D 41 -9.45 -27.02 18.87
N GLY D 42 -8.77 -26.37 17.93
CA GLY D 42 -7.37 -26.65 17.63
C GLY D 42 -6.47 -25.88 18.59
N PRO D 48 -8.36 -16.94 14.51
CA PRO D 48 -8.44 -17.85 15.64
C PRO D 48 -8.72 -19.30 15.23
N PRO D 49 -8.41 -20.29 16.09
CA PRO D 49 -8.58 -21.71 15.81
C PRO D 49 -9.98 -22.17 15.34
N PRO D 50 -10.05 -23.27 14.56
CA PRO D 50 -11.34 -23.83 14.16
C PRO D 50 -12.05 -24.54 15.33
N GLU D 51 -13.29 -24.13 15.63
CA GLU D 51 -14.09 -24.70 16.73
C GLU D 51 -15.14 -25.68 16.24
N ARG D 52 -15.30 -26.77 16.98
CA ARG D 52 -16.36 -27.75 16.73
C ARG D 52 -17.14 -27.93 18.04
N GLN D 53 -18.47 -28.05 17.95
CA GLN D 53 -19.35 -28.24 19.13
C GLN D 53 -19.88 -29.64 19.07
N ILE D 54 -19.36 -30.54 19.90
CA ILE D 54 -19.81 -31.93 19.92
C ILE D 54 -20.87 -32.09 21.01
N ASN D 55 -22.02 -32.64 20.63
CA ASN D 55 -23.08 -33.00 21.56
C ASN D 55 -22.94 -34.49 21.88
N LEU D 56 -22.87 -34.84 23.16
CA LEU D 56 -22.53 -36.22 23.54
C LEU D 56 -23.61 -37.18 23.11
N SER D 57 -23.23 -38.18 22.31
CA SER D 57 -24.17 -39.19 21.81
C SER D 57 -24.68 -40.03 22.97
N ASN D 58 -25.90 -40.53 22.81
CA ASN D 58 -26.51 -41.53 23.71
C ASN D 58 -26.80 -41.05 25.13
N ILE D 59 -26.56 -39.77 25.46
CA ILE D 59 -26.80 -39.30 26.83
C ILE D 59 -27.57 -37.97 26.91
N ARG D 60 -28.08 -37.68 28.10
CA ARG D 60 -28.88 -36.48 28.34
C ARG D 60 -28.53 -35.85 29.67
N ALA D 61 -28.10 -34.59 29.59
CA ALA D 61 -27.88 -33.74 30.76
C ALA D 61 -28.85 -32.57 30.72
N GLY D 62 -29.06 -31.96 31.88
CA GLY D 62 -29.96 -30.83 31.98
C GLY D 62 -29.49 -29.59 31.25
N ASN D 63 -30.44 -28.76 30.87
CA ASN D 63 -30.16 -27.42 30.39
C ASN D 63 -29.85 -26.52 31.58
N LEU D 64 -28.85 -25.65 31.41
CA LEU D 64 -28.55 -24.64 32.41
C LEU D 64 -29.56 -23.50 32.30
N ALA D 65 -29.48 -22.58 33.24
CA ALA D 65 -30.29 -21.36 33.22
C ALA D 65 -30.06 -20.55 31.95
N ARG D 66 -31.07 -19.77 31.58
CA ARG D 66 -31.02 -18.98 30.35
C ARG D 66 -32.09 -17.93 30.33
N ARG D 67 -31.89 -16.96 29.48
CA ARG D 67 -32.73 -15.81 29.34
C ARG D 67 -33.25 -15.69 27.93
N ALA D 68 -34.50 -15.21 27.79
CA ALA D 68 -35.02 -14.74 26.51
C ALA D 68 -36.22 -13.80 26.73
N ALA D 69 -37.47 -14.29 26.54
CA ALA D 69 -38.65 -13.49 26.83
C ALA D 69 -38.73 -13.37 28.33
N LYS D 70 -38.57 -14.51 28.99
CA LYS D 70 -38.41 -14.54 30.43
C LYS D 70 -37.10 -15.23 30.86
N ASP D 71 -36.80 -15.13 32.16
CA ASP D 71 -35.75 -15.93 32.81
C ASP D 71 -36.27 -17.36 33.00
N THR D 72 -35.46 -18.35 32.67
CA THR D 72 -35.77 -19.76 32.98
C THR D 72 -34.59 -20.34 33.76
N PRO D 73 -34.87 -21.08 34.84
CA PRO D 73 -33.83 -21.49 35.79
C PRO D 73 -33.07 -22.72 35.36
N ASP D 74 -32.00 -23.04 36.08
CA ASP D 74 -31.34 -24.36 35.98
C ASP D 74 -32.37 -25.48 36.20
N GLU D 75 -32.27 -26.55 35.41
CA GLU D 75 -32.95 -27.79 35.75
C GLU D 75 -32.18 -28.44 36.89
N PRO D 76 -32.78 -29.46 37.53
CA PRO D 76 -31.99 -30.23 38.49
C PRO D 76 -30.73 -30.81 37.84
N TRP D 77 -29.63 -30.75 38.57
CA TRP D 77 -28.38 -31.45 38.21
C TRP D 77 -27.64 -30.97 36.94
N ALA D 78 -28.03 -29.83 36.36
CA ALA D 78 -27.39 -29.38 35.11
C ALA D 78 -26.07 -28.65 35.40
N PHE D 79 -26.08 -27.76 36.40
CA PHE D 79 -24.85 -27.06 36.81
C PHE D 79 -23.82 -28.01 37.37
N PRO D 80 -24.21 -28.92 38.30
CA PRO D 80 -23.21 -29.88 38.79
C PRO D 80 -22.64 -30.80 37.69
N ALA D 81 -23.40 -31.05 36.62
CA ALA D 81 -22.88 -31.80 35.48
C ALA D 81 -21.86 -30.96 34.69
N ARG D 82 -22.22 -29.72 34.37
CA ARG D 82 -21.33 -28.77 33.69
C ARG D 82 -20.05 -28.59 34.46
N GLU D 83 -20.16 -28.40 35.78
CA GLU D 83 -18.97 -28.21 36.62
C GLU D 83 -18.09 -29.45 36.70
N PHE D 84 -18.69 -30.64 36.66
CA PHE D 84 -17.95 -31.91 36.71
C PHE D 84 -16.99 -32.04 35.52
N LEU D 85 -17.53 -31.90 34.32
CA LEU D 85 -16.71 -31.94 33.11
C LEU D 85 -15.81 -30.71 32.98
N ARG D 86 -16.20 -29.56 33.52
CA ARG D 86 -15.35 -28.36 33.46
C ARG D 86 -14.05 -28.47 34.31
N LYS D 87 -14.14 -28.82 35.59
CA LYS D 87 -12.95 -29.05 36.42
C LYS D 87 -12.05 -30.10 35.81
N LYS D 88 -12.68 -31.13 35.26
CA LYS D 88 -12.03 -32.31 34.72
C LYS D 88 -11.38 -32.10 33.35
N LEU D 89 -12.06 -31.40 32.45
CA LEU D 89 -11.66 -31.37 31.03
C LEU D 89 -10.97 -30.10 30.52
N ILE D 90 -11.32 -28.93 31.05
CA ILE D 90 -10.86 -27.65 30.45
C ILE D 90 -9.35 -27.65 30.27
N GLY D 91 -8.90 -27.24 29.09
CA GLY D 91 -7.47 -27.17 28.82
C GLY D 91 -6.81 -28.49 28.41
N LYS D 92 -7.42 -29.64 28.74
CA LYS D 92 -6.83 -30.95 28.47
C LYS D 92 -6.94 -31.26 26.99
N GLU D 93 -6.18 -32.27 26.55
CA GLU D 93 -6.18 -32.72 25.16
C GLU D 93 -7.08 -33.96 25.04
N VAL D 94 -8.14 -33.85 24.25
CA VAL D 94 -9.08 -34.95 24.05
C VAL D 94 -8.99 -35.51 22.63
N CYS D 95 -9.61 -36.66 22.41
CA CYS D 95 -9.90 -37.13 21.07
C CYS D 95 -11.38 -37.45 20.99
N PHE D 96 -11.95 -37.33 19.79
CA PHE D 96 -13.39 -37.53 19.58
C PHE D 96 -13.75 -38.28 18.29
N THR D 97 -15.00 -38.74 18.20
CA THR D 97 -15.53 -39.44 17.02
C THR D 97 -17.02 -39.11 16.78
N ILE D 98 -17.31 -38.61 15.57
CA ILE D 98 -18.61 -38.06 15.18
C ILE D 98 -19.52 -39.16 14.61
N GLU D 99 -20.45 -39.65 15.44
CA GLU D 99 -21.39 -40.71 15.03
C GLU D 99 -22.46 -40.28 14.02
N ASN D 100 -22.85 -39.01 14.03
CA ASN D 100 -23.89 -38.50 13.12
C ASN D 100 -23.82 -36.97 12.97
N LYS D 101 -24.39 -36.47 11.89
CA LYS D 101 -24.54 -35.03 11.65
C LYS D 101 -25.98 -34.79 11.22
N THR D 102 -26.74 -34.04 12.02
CA THR D 102 -28.18 -33.83 11.78
C THR D 102 -28.45 -32.70 10.78
N PRO D 103 -29.68 -32.64 10.22
CA PRO D 103 -30.06 -31.54 9.34
C PRO D 103 -30.11 -30.16 10.00
N GLN D 104 -30.27 -30.10 11.33
CA GLN D 104 -30.23 -28.79 12.06
C GLN D 104 -28.81 -28.18 12.20
N GLY D 105 -27.76 -28.92 11.82
CA GLY D 105 -26.36 -28.41 11.79
C GLY D 105 -25.55 -28.70 13.04
N ARG D 106 -25.84 -29.85 13.67
CA ARG D 106 -25.27 -30.27 14.94
C ARG D 106 -24.56 -31.59 14.77
N GLU D 107 -23.50 -31.77 15.54
CA GLU D 107 -22.71 -33.00 15.51
C GLU D 107 -22.85 -33.75 16.83
N TYR D 108 -23.15 -35.05 16.74
CA TYR D 108 -23.18 -35.94 17.89
C TYR D 108 -21.99 -36.90 17.84
N GLY D 109 -21.46 -37.19 19.01
CA GLY D 109 -20.28 -38.05 19.12
C GLY D 109 -19.82 -38.31 20.54
N MET D 110 -18.72 -39.03 20.65
CA MET D 110 -18.16 -39.42 21.93
C MET D 110 -16.78 -38.78 22.07
N ILE D 111 -16.51 -38.22 23.25
CA ILE D 111 -15.17 -37.69 23.58
C ILE D 111 -14.47 -38.60 24.57
N TYR D 112 -13.16 -38.78 24.36
CA TYR D 112 -12.30 -39.55 25.25
C TYR D 112 -11.19 -38.61 25.71
N LEU D 113 -11.02 -38.52 27.03
CA LEU D 113 -10.03 -37.66 27.63
C LEU D 113 -8.70 -38.40 27.55
N GLY D 114 -7.97 -38.16 26.46
CA GLY D 114 -6.68 -38.81 26.22
C GLY D 114 -6.22 -38.62 24.78
N LYS D 115 -5.46 -39.60 24.29
CA LYS D 115 -4.96 -39.65 22.91
C LYS D 115 -5.50 -40.83 22.09
N ASP D 116 -6.52 -41.53 22.61
CA ASP D 116 -7.11 -42.67 21.88
C ASP D 116 -8.53 -43.02 22.31
N THR D 117 -9.22 -43.74 21.42
CA THR D 117 -10.63 -44.12 21.55
C THR D 117 -10.90 -45.22 22.63
N ASN D 118 -9.88 -45.57 23.42
CA ASN D 118 -10.01 -46.51 24.52
C ASN D 118 -9.65 -45.91 25.89
N GLY D 119 -9.35 -44.60 25.94
CA GLY D 119 -9.13 -43.91 27.22
C GLY D 119 -10.43 -43.70 27.99
N GLU D 120 -10.53 -42.56 28.68
CA GLU D 120 -11.70 -42.23 29.53
C GLU D 120 -12.89 -41.54 28.79
N ASN D 121 -13.84 -42.36 28.36
CA ASN D 121 -15.10 -41.89 27.74
C ASN D 121 -15.83 -40.96 28.71
N ILE D 122 -15.90 -39.68 28.39
CA ILE D 122 -16.44 -38.67 29.33
C ILE D 122 -17.93 -38.86 29.66
N ALA D 123 -18.68 -39.47 28.75
CA ALA D 123 -20.09 -39.76 28.97
C ALA D 123 -20.26 -40.82 30.04
N GLU D 124 -19.33 -41.75 30.12
CA GLU D 124 -19.38 -42.79 31.14
C GLU D 124 -19.09 -42.19 32.54
N SER D 125 -18.22 -41.19 32.60
CA SER D 125 -18.01 -40.43 33.83
C SER D 125 -19.29 -39.74 34.34
N LEU D 126 -20.01 -39.07 33.43
CA LEU D 126 -21.26 -38.34 33.76
C LEU D 126 -22.33 -39.22 34.36
N VAL D 127 -22.59 -40.34 33.68
CA VAL D 127 -23.69 -41.23 34.05
C VAL D 127 -23.38 -42.02 35.32
N ALA D 128 -22.10 -42.27 35.61
CA ALA D 128 -21.70 -42.92 36.86
C ALA D 128 -21.80 -41.96 38.05
N GLU D 129 -21.56 -40.66 37.82
CA GLU D 129 -21.81 -39.65 38.86
C GLU D 129 -23.30 -39.36 39.06
N GLY D 130 -24.16 -39.88 38.17
CA GLY D 130 -25.56 -39.54 38.14
C GLY D 130 -25.81 -38.15 37.63
N LEU D 131 -24.85 -37.58 36.92
CA LEU D 131 -24.98 -36.23 36.41
C LEU D 131 -25.53 -36.21 34.99
N ALA D 132 -25.77 -37.40 34.42
CA ALA D 132 -26.53 -37.54 33.18
C ALA D 132 -27.26 -38.90 33.12
N THR D 133 -27.97 -39.13 32.01
CA THR D 133 -28.70 -40.38 31.77
C THR D 133 -28.66 -40.81 30.30
N ARG D 134 -29.07 -42.04 30.05
CA ARG D 134 -29.17 -42.58 28.69
C ARG D 134 -30.38 -41.96 28.00
N ARG D 135 -30.28 -41.72 26.70
CA ARG D 135 -31.40 -41.17 25.95
C ARG D 135 -32.55 -42.17 25.87
N ASN D 141 -28.60 -53.98 21.25
CA ASN D 141 -27.57 -53.70 22.24
C ASN D 141 -26.15 -53.99 21.73
N ASN D 142 -25.17 -53.47 22.44
CA ASN D 142 -23.79 -53.37 21.94
C ASN D 142 -22.82 -52.98 23.07
N PRO D 143 -21.48 -53.23 22.91
CA PRO D 143 -20.50 -52.92 23.96
C PRO D 143 -20.55 -51.51 24.52
N GLU D 144 -20.63 -50.51 23.63
CA GLU D 144 -20.71 -49.09 24.02
C GLU D 144 -21.95 -48.83 24.88
N GLN D 145 -23.08 -49.40 24.45
CA GLN D 145 -24.35 -49.21 25.15
C GLN D 145 -24.40 -50.03 26.45
N ASN D 146 -23.78 -51.20 26.45
CA ASN D 146 -23.60 -51.98 27.68
C ASN D 146 -22.79 -51.22 28.75
N ARG D 147 -21.66 -50.61 28.37
CA ARG D 147 -20.83 -49.84 29.31
C ARG D 147 -21.61 -48.71 29.98
N LEU D 148 -22.39 -47.97 29.20
CA LEU D 148 -23.26 -46.91 29.76
C LEU D 148 -24.30 -47.44 30.75
N SER D 149 -24.84 -48.63 30.48
CA SER D 149 -25.80 -49.23 31.40
C SER D 149 -25.11 -49.56 32.73
N GLU D 150 -23.97 -50.26 32.65
CA GLU D 150 -23.18 -50.62 33.84
C GLU D 150 -22.86 -49.40 34.70
N CYS D 151 -22.63 -48.25 34.07
CA CYS D 151 -22.42 -46.99 34.79
C CYS D 151 -23.71 -46.50 35.46
N GLU D 152 -24.83 -46.53 34.74
CA GLU D 152 -26.10 -46.03 35.25
C GLU D 152 -26.64 -46.89 36.40
N GLU D 153 -26.45 -48.20 36.33
CA GLU D 153 -26.89 -49.12 37.41
C GLU D 153 -26.08 -48.86 38.70
N GLN D 154 -24.78 -48.64 38.54
CA GLN D 154 -23.88 -48.35 39.65
C GLN D 154 -24.27 -47.05 40.35
N ALA D 155 -24.39 -45.98 39.56
CA ALA D 155 -24.82 -44.66 40.04
C ALA D 155 -26.14 -44.72 40.81
N LYS D 156 -27.12 -45.42 40.22
CA LYS D 156 -28.43 -45.59 40.83
C LYS D 156 -28.36 -46.44 42.12
N ALA D 157 -27.54 -47.50 42.10
CA ALA D 157 -27.33 -48.36 43.27
C ALA D 157 -26.32 -47.82 44.31
N ALA D 158 -25.79 -46.61 44.10
CA ALA D 158 -25.02 -45.88 45.12
C ALA D 158 -25.53 -44.46 45.37
N LYS D 159 -26.76 -44.17 44.95
CA LYS D 159 -27.46 -42.93 45.31
C LYS D 159 -26.66 -41.65 44.96
N LYS D 160 -26.10 -41.60 43.75
CA LYS D 160 -25.36 -40.42 43.27
C LYS D 160 -26.22 -39.53 42.36
N GLY D 161 -25.98 -38.23 42.46
CA GLY D 161 -26.62 -37.24 41.59
C GLY D 161 -28.14 -37.32 41.61
N MET D 162 -28.73 -37.30 40.41
CA MET D 162 -30.18 -37.36 40.24
C MET D 162 -30.85 -38.60 40.85
N TRP D 163 -30.06 -39.62 41.18
CA TRP D 163 -30.56 -40.81 41.91
C TRP D 163 -30.45 -40.70 43.45
N SER D 164 -30.22 -39.49 43.96
CA SER D 164 -30.31 -39.21 45.40
C SER D 164 -31.76 -39.00 45.81
N GLU D 165 -32.02 -39.22 47.11
CA GLU D 165 -33.33 -38.95 47.69
C GLU D 165 -33.57 -37.45 47.61
N GLY D 166 -34.53 -37.05 46.78
CA GLY D 166 -34.90 -35.65 46.66
C GLY D 166 -35.27 -35.23 45.25
N ASN D 167 -35.61 -33.95 45.13
CA ASN D 167 -35.97 -33.32 43.86
C ASN D 167 -34.75 -32.68 43.17
N GLY D 168 -33.66 -32.48 43.93
CA GLY D 168 -32.48 -31.81 43.43
C GLY D 168 -32.63 -30.30 43.28
N SER D 169 -33.52 -29.70 44.07
CA SER D 169 -33.72 -28.25 44.08
C SER D 169 -32.49 -27.47 44.58
N HIS D 170 -31.71 -28.08 45.49
CA HIS D 170 -30.41 -27.53 45.95
C HIS D 170 -29.32 -27.38 44.88
N THR D 171 -29.51 -27.98 43.70
CA THR D 171 -28.61 -27.82 42.55
C THR D 171 -29.04 -26.70 41.58
N ILE D 172 -30.21 -26.10 41.79
CA ILE D 172 -30.66 -24.99 40.98
C ILE D 172 -30.04 -23.72 41.54
N ARG D 173 -29.17 -23.07 40.76
CA ARG D 173 -28.51 -21.84 41.22
C ARG D 173 -29.49 -20.69 41.29
N ASP D 174 -29.38 -19.87 42.33
CA ASP D 174 -30.18 -18.64 42.47
C ASP D 174 -29.52 -17.55 41.64
N LEU D 175 -29.67 -17.68 40.32
CA LEU D 175 -28.83 -16.96 39.36
C LEU D 175 -29.33 -15.54 39.21
N LYS D 176 -28.47 -14.58 39.53
CA LYS D 176 -28.77 -13.16 39.38
C LYS D 176 -28.01 -12.62 38.19
N TYR D 177 -28.73 -11.95 37.29
CA TYR D 177 -28.16 -11.38 36.08
C TYR D 177 -27.75 -9.94 36.26
N THR D 178 -28.31 -9.24 37.26
CA THR D 178 -27.82 -7.89 37.58
C THR D 178 -27.61 -7.65 39.07
N ILE D 179 -26.52 -6.96 39.41
CA ILE D 179 -26.25 -6.53 40.79
C ILE D 179 -27.14 -5.33 41.10
N GLU D 180 -27.76 -5.34 42.28
CA GLU D 180 -28.83 -4.39 42.59
C GLU D 180 -28.28 -2.99 42.85
N ASN D 181 -27.43 -2.87 43.87
CA ASN D 181 -26.74 -1.61 44.20
C ASN D 181 -25.24 -1.85 44.00
N PRO D 182 -24.71 -1.48 42.82
CA PRO D 182 -23.34 -1.94 42.48
C PRO D 182 -22.24 -1.34 43.36
N ARG D 183 -22.27 -0.02 43.57
CA ARG D 183 -21.27 0.66 44.42
C ARG D 183 -21.21 0.03 45.82
N HIS D 184 -22.38 -0.22 46.40
CA HIS D 184 -22.49 -0.94 47.65
C HIS D 184 -21.86 -2.32 47.52
N PHE D 185 -22.28 -3.07 46.51
CA PHE D 185 -21.82 -4.46 46.30
C PHE D 185 -20.29 -4.59 46.24
N VAL D 186 -19.63 -3.66 45.55
CA VAL D 186 -18.15 -3.59 45.48
C VAL D 186 -17.54 -3.13 46.81
N ASP D 187 -18.08 -2.03 47.37
CA ASP D 187 -17.73 -1.58 48.73
C ASP D 187 -17.85 -2.72 49.76
N SER D 188 -18.89 -3.55 49.59
CA SER D 188 -19.18 -4.67 50.49
C SER D 188 -18.09 -5.73 50.60
N HIS D 189 -17.33 -5.94 49.53
CA HIS D 189 -16.26 -6.95 49.54
C HIS D 189 -14.88 -6.40 49.92
N HIS D 190 -14.76 -5.08 50.15
CA HIS D 190 -13.53 -4.45 50.66
C HIS D 190 -12.21 -4.83 49.94
N GLN D 191 -12.29 -5.09 48.63
CA GLN D 191 -11.14 -5.54 47.80
C GLN D 191 -10.58 -6.93 48.18
N LYS D 192 -11.44 -7.78 48.74
CA LYS D 192 -11.08 -9.14 49.11
C LYS D 192 -11.49 -10.07 47.95
N PRO D 193 -10.54 -10.89 47.46
CA PRO D 193 -10.90 -11.60 46.21
C PRO D 193 -12.10 -12.52 46.35
N VAL D 194 -12.91 -12.53 45.31
CA VAL D 194 -14.13 -13.32 45.22
C VAL D 194 -13.90 -14.43 44.21
N ASN D 195 -14.01 -15.67 44.68
CA ASN D 195 -13.92 -16.84 43.78
C ASN D 195 -14.97 -16.68 42.66
N ALA D 196 -14.55 -16.96 41.44
CA ALA D 196 -15.43 -16.82 40.30
C ALA D 196 -15.01 -17.70 39.14
N ILE D 197 -15.89 -17.83 38.16
CA ILE D 197 -15.64 -18.62 36.96
C ILE D 197 -15.82 -17.64 35.81
N ILE D 198 -14.94 -17.71 34.83
CA ILE D 198 -14.99 -16.78 33.70
C ILE D 198 -15.76 -17.53 32.62
N GLU D 199 -16.95 -17.01 32.27
CA GLU D 199 -17.89 -17.79 31.44
C GLU D 199 -17.81 -17.47 29.97
N HIS D 200 -17.37 -16.24 29.63
CA HIS D 200 -17.25 -15.73 28.24
C HIS D 200 -16.24 -14.57 28.13
N VAL D 201 -15.60 -14.44 26.97
CA VAL D 201 -14.63 -13.38 26.75
C VAL D 201 -15.12 -12.50 25.59
N ARG D 202 -15.71 -11.33 25.89
CA ARG D 202 -16.24 -10.40 24.86
C ARG D 202 -15.12 -9.81 24.01
N ASP D 203 -14.12 -9.23 24.66
CA ASP D 203 -12.81 -8.94 24.06
C ASP D 203 -11.71 -9.22 25.09
N GLY D 204 -10.45 -9.05 24.69
CA GLY D 204 -9.32 -9.34 25.58
C GLY D 204 -9.28 -8.71 26.95
N SER D 205 -10.05 -7.64 27.15
CA SER D 205 -10.08 -6.93 28.43
C SER D 205 -11.43 -6.87 29.15
N VAL D 206 -12.53 -7.27 28.52
CA VAL D 206 -13.81 -7.46 29.26
C VAL D 206 -14.42 -8.86 29.10
N VAL D 207 -14.72 -9.45 30.25
CA VAL D 207 -15.17 -10.84 30.42
C VAL D 207 -16.53 -10.86 31.13
N ARG D 208 -17.14 -12.03 31.14
CA ARG D 208 -18.40 -12.27 31.86
C ARG D 208 -18.06 -13.24 32.95
N ALA D 209 -18.15 -12.80 34.20
CA ALA D 209 -17.69 -13.58 35.35
C ALA D 209 -18.83 -14.10 36.21
N LEU D 210 -18.92 -15.43 36.39
CA LEU D 210 -19.84 -16.03 37.37
C LEU D 210 -19.25 -15.94 38.76
N LEU D 211 -19.71 -14.97 39.55
CA LEU D 211 -19.19 -14.75 40.90
C LEU D 211 -19.81 -15.76 41.86
N LEU D 212 -19.02 -16.26 42.81
CA LEU D 212 -19.48 -17.27 43.79
C LEU D 212 -19.29 -16.74 45.22
N PRO D 213 -20.02 -17.28 46.20
CA PRO D 213 -21.08 -18.30 46.06
C PRO D 213 -22.54 -17.77 45.77
N ASP D 214 -22.69 -16.49 45.43
CA ASP D 214 -24.01 -15.86 45.24
C ASP D 214 -24.60 -16.06 43.83
N TYR D 215 -23.81 -16.54 42.87
CA TYR D 215 -24.25 -16.77 41.48
C TYR D 215 -24.78 -15.50 40.79
N TYR D 216 -23.98 -14.44 40.90
CA TYR D 216 -24.17 -13.25 40.10
C TYR D 216 -23.41 -13.47 38.79
N LEU D 217 -24.13 -13.51 37.67
CA LEU D 217 -23.49 -13.47 36.34
C LEU D 217 -23.35 -12.03 35.87
N VAL D 218 -22.13 -11.54 35.80
CA VAL D 218 -21.89 -10.14 35.48
C VAL D 218 -20.65 -9.88 34.62
N THR D 219 -20.61 -8.66 34.10
CA THR D 219 -19.60 -8.19 33.20
C THR D 219 -18.47 -7.55 33.99
N VAL D 220 -17.25 -8.08 33.78
CA VAL D 220 -16.03 -7.63 34.48
C VAL D 220 -15.07 -7.02 33.44
N MET D 221 -14.85 -5.72 33.55
CA MET D 221 -13.82 -5.00 32.78
C MET D 221 -12.50 -4.88 33.56
N LEU D 222 -11.39 -5.31 32.98
CA LEU D 222 -10.07 -5.25 33.63
C LEU D 222 -9.66 -3.80 33.93
N SER D 223 -9.45 -3.52 35.22
CA SER D 223 -9.12 -2.17 35.71
C SER D 223 -7.83 -1.67 35.13
N GLY D 224 -7.84 -0.42 34.65
CA GLY D 224 -6.65 0.23 34.14
C GLY D 224 -6.23 -0.04 32.71
N ILE D 225 -6.94 -0.93 31.97
CA ILE D 225 -6.59 -1.20 30.56
C ILE D 225 -7.76 -1.20 29.56
N LYS D 226 -7.41 -1.27 28.30
CA LYS D 226 -8.37 -1.38 27.20
C LYS D 226 -7.67 -2.15 26.08
N CYS D 227 -8.32 -3.21 25.61
CA CYS D 227 -7.84 -3.95 24.46
C CYS D 227 -8.50 -3.35 23.25
N PRO D 228 -8.02 -3.69 22.05
CA PRO D 228 -8.82 -3.36 20.87
C PRO D 228 -10.18 -4.08 20.89
N THR D 229 -11.14 -3.59 20.11
CA THR D 229 -12.53 -4.02 20.26
C THR D 229 -13.23 -4.40 18.97
N PHE D 230 -14.28 -5.20 19.13
CA PHE D 230 -15.12 -5.66 18.02
C PHE D 230 -16.26 -4.69 17.79
N ARG D 231 -16.35 -4.16 16.57
CA ARG D 231 -17.45 -3.33 16.12
C ARG D 231 -18.00 -3.94 14.84
N THR D 234 -16.73 -3.84 11.77
CA THR D 234 -15.49 -4.64 11.68
C THR D 234 -14.35 -4.23 12.65
N PRO D 235 -13.59 -5.22 13.16
CA PRO D 235 -12.86 -5.10 14.42
C PRO D 235 -11.51 -4.41 14.29
N GLU D 236 -11.14 -3.69 15.35
CA GLU D 236 -9.90 -2.94 15.38
C GLU D 236 -8.72 -3.91 15.24
N PRO D 237 -7.55 -3.42 14.78
CA PRO D 237 -6.39 -4.33 14.76
C PRO D 237 -6.09 -4.95 16.14
N PHE D 238 -5.85 -6.27 16.14
CA PHE D 238 -5.53 -7.08 17.34
C PHE D 238 -6.66 -7.26 18.35
N ALA D 239 -7.91 -7.09 17.93
CA ALA D 239 -9.03 -7.39 18.81
C ALA D 239 -9.16 -8.90 18.93
N ALA D 240 -9.21 -9.57 17.79
CA ALA D 240 -9.37 -11.02 17.78
C ALA D 240 -8.18 -11.73 18.43
N GLU D 241 -7.00 -11.16 18.23
CA GLU D 241 -5.78 -11.62 18.90
C GLU D 241 -5.84 -11.38 20.42
N ALA D 242 -6.23 -10.18 20.84
CA ALA D 242 -6.41 -9.88 22.27
C ALA D 242 -7.45 -10.78 22.86
N LYS D 243 -8.58 -10.95 22.18
CA LYS D 243 -9.64 -11.85 22.67
C LYS D 243 -9.11 -13.28 22.91
N PHE D 244 -8.39 -13.81 21.92
CA PHE D 244 -7.81 -15.15 22.03
C PHE D 244 -6.80 -15.29 23.17
N PHE D 245 -5.94 -14.29 23.32
CA PHE D 245 -4.88 -14.33 24.31
C PHE D 245 -5.51 -14.61 25.67
N THR D 246 -6.46 -13.74 26.04
CA THR D 246 -7.18 -13.82 27.31
C THR D 246 -8.09 -15.08 27.42
N GLU D 247 -8.78 -15.38 26.33
CA GLU D 247 -9.74 -16.48 26.27
C GLU D 247 -9.14 -17.91 26.43
N SER D 248 -7.99 -18.17 25.80
CA SER D 248 -7.31 -19.44 25.92
C SER D 248 -6.65 -19.66 27.30
N ARG D 249 -6.43 -18.57 28.03
CA ARG D 249 -5.85 -18.64 29.37
C ARG D 249 -6.88 -18.72 30.48
N LEU D 250 -8.08 -18.11 30.31
CA LEU D 250 -9.07 -17.90 31.41
C LEU D 250 -10.52 -18.42 31.22
N LEU D 251 -10.93 -18.70 29.98
CA LEU D 251 -12.30 -19.18 29.73
C LEU D 251 -12.56 -20.51 30.48
N GLN D 252 -13.63 -20.50 31.30
CA GLN D 252 -14.08 -21.65 32.10
C GLN D 252 -13.04 -22.14 33.09
N ARG D 253 -12.25 -21.20 33.58
CA ARG D 253 -11.29 -21.47 34.63
C ARG D 253 -11.82 -20.88 35.94
N ASP D 254 -11.40 -21.49 37.06
CA ASP D 254 -11.68 -20.95 38.38
C ASP D 254 -10.71 -19.83 38.59
N VAL D 255 -11.21 -18.68 39.00
CA VAL D 255 -10.36 -17.51 39.30
C VAL D 255 -10.89 -16.79 40.53
N GLN D 256 -10.13 -15.82 40.97
CA GLN D 256 -10.56 -14.88 41.96
C GLN D 256 -10.51 -13.49 41.33
N ILE D 257 -11.45 -12.64 41.71
CA ILE D 257 -11.53 -11.28 41.17
C ILE D 257 -11.47 -10.31 42.35
N ILE D 258 -10.61 -9.29 42.25
CA ILE D 258 -10.71 -8.12 43.12
C ILE D 258 -11.71 -7.19 42.46
N LEU D 259 -12.81 -6.88 43.14
CA LEU D 259 -13.79 -5.96 42.59
C LEU D 259 -13.38 -4.58 43.06
N GLU D 260 -12.96 -3.74 42.11
CA GLU D 260 -12.22 -2.51 42.45
C GLU D 260 -13.13 -1.29 42.40
N SER D 261 -13.84 -1.11 41.29
CA SER D 261 -14.93 -0.11 41.18
C SER D 261 -15.97 -0.60 40.17
N CYS D 262 -16.84 0.30 39.68
CA CYS D 262 -17.85 -0.07 38.68
C CYS D 262 -17.99 1.01 37.63
N HIS D 263 -18.36 0.60 36.41
CA HIS D 263 -18.80 1.51 35.34
C HIS D 263 -20.14 1.04 34.81
N ASN D 264 -21.19 1.74 35.20
CA ASN D 264 -22.60 1.40 34.91
C ASN D 264 -22.95 0.04 35.53
N GLN D 265 -23.43 -0.91 34.73
CA GLN D 265 -23.68 -2.27 35.20
C GLN D 265 -22.52 -3.19 34.75
N ASN D 266 -21.30 -2.65 34.87
CA ASN D 266 -20.06 -3.40 34.64
C ASN D 266 -19.15 -3.22 35.85
N ILE D 267 -18.43 -4.28 36.18
CA ILE D 267 -17.52 -4.32 37.34
C ILE D 267 -16.08 -4.09 36.90
N LEU D 268 -15.49 -2.96 37.31
CA LEU D 268 -14.07 -2.75 37.15
C LEU D 268 -13.39 -3.64 38.19
N GLY D 269 -12.44 -4.46 37.73
CA GLY D 269 -11.74 -5.39 38.59
C GLY D 269 -10.45 -5.95 38.02
N THR D 270 -9.86 -6.85 38.79
CA THR D 270 -8.63 -7.50 38.41
C THR D 270 -8.72 -9.00 38.68
N ILE D 271 -8.20 -9.82 37.75
CA ILE D 271 -8.31 -11.27 37.79
C ILE D 271 -7.03 -11.90 38.35
N LEU D 272 -7.21 -12.78 39.33
CA LEU D 272 -6.13 -13.52 39.93
C LEU D 272 -6.22 -14.95 39.43
N HIS D 273 -5.06 -15.50 39.05
CA HIS D 273 -4.91 -16.90 38.71
C HIS D 273 -3.47 -17.24 39.07
N PRO D 274 -3.16 -18.49 39.47
CA PRO D 274 -1.76 -18.87 39.77
C PRO D 274 -0.72 -18.62 38.66
N ASN D 275 -1.10 -18.82 37.40
CA ASN D 275 -0.19 -18.69 36.27
C ASN D 275 0.30 -17.23 35.99
N GLY D 276 -0.49 -16.23 36.41
CA GLY D 276 -0.09 -14.82 36.30
C GLY D 276 -1.23 -13.82 36.31
N ASN D 277 -0.86 -12.54 36.24
CA ASN D 277 -1.82 -11.44 36.09
C ASN D 277 -2.10 -11.13 34.59
N ILE D 278 -3.33 -11.44 34.15
CA ILE D 278 -3.69 -11.24 32.74
C ILE D 278 -3.61 -9.76 32.32
N THR D 279 -3.89 -8.84 33.26
CA THR D 279 -3.79 -7.40 33.00
C THR D 279 -2.34 -7.05 32.71
N GLU D 280 -1.44 -7.52 33.59
CA GLU D 280 0.00 -7.20 33.47
C GLU D 280 0.58 -7.83 32.20
N LEU D 281 0.18 -9.06 31.89
CA LEU D 281 0.55 -9.70 30.62
C LEU D 281 0.08 -8.96 29.35
N LEU D 282 -1.24 -8.73 29.22
CA LEU D 282 -1.82 -8.10 28.01
C LEU D 282 -1.07 -6.83 27.61
N LEU D 283 -0.79 -5.96 28.57
CA LEU D 283 0.05 -4.79 28.32
C LEU D 283 1.50 -5.16 27.94
N LYS D 284 2.10 -6.06 28.73
CA LYS D 284 3.48 -6.54 28.50
C LYS D 284 3.70 -7.19 27.12
N GLU D 285 2.65 -7.80 26.57
CA GLU D 285 2.69 -8.49 25.29
C GLU D 285 2.17 -7.65 24.13
N GLY D 286 1.87 -6.36 24.37
CA GLY D 286 1.42 -5.46 23.31
C GLY D 286 -0.01 -5.68 22.83
N PHE D 287 -0.89 -6.17 23.70
CA PHE D 287 -2.34 -6.34 23.40
C PHE D 287 -3.25 -5.29 24.05
N ALA D 288 -2.70 -4.38 24.87
CA ALA D 288 -3.49 -3.37 25.58
C ALA D 288 -2.76 -2.03 25.83
N ARG D 289 -3.54 -0.98 26.08
CA ARG D 289 -3.01 0.36 26.44
C ARG D 289 -3.61 0.74 27.79
N CYS D 290 -2.79 1.38 28.64
CA CYS D 290 -3.22 1.85 29.93
C CYS D 290 -4.15 3.05 29.75
N VAL D 291 -5.41 2.90 30.16
CA VAL D 291 -6.41 4.00 30.11
C VAL D 291 -6.40 4.76 31.45
N ASP D 292 -6.46 6.09 31.35
CA ASP D 292 -6.04 6.99 32.45
C ASP D 292 -7.03 7.04 33.61
N TRP D 293 -8.31 7.10 33.28
CA TRP D 293 -9.41 7.13 34.29
C TRP D 293 -9.41 5.91 35.22
N SER D 294 -9.50 4.70 34.66
CA SER D 294 -9.77 3.52 35.46
C SER D 294 -8.54 2.96 36.16
N ILE D 295 -7.34 3.38 35.76
CA ILE D 295 -6.13 2.87 36.42
C ILE D 295 -6.02 3.31 37.88
N ALA D 296 -6.68 4.42 38.24
CA ALA D 296 -6.81 4.84 39.65
C ALA D 296 -7.41 3.79 40.62
N VAL D 297 -8.23 2.87 40.11
CA VAL D 297 -8.85 1.85 40.95
C VAL D 297 -8.08 0.51 40.97
N TYR D 298 -7.00 0.40 40.18
CA TYR D 298 -6.19 -0.82 40.16
C TYR D 298 -5.48 -0.94 41.50
N THR D 299 -5.76 -2.00 42.25
CA THR D 299 -5.22 -2.18 43.60
C THR D 299 -3.80 -2.75 43.58
N ARG D 300 -3.55 -3.71 42.70
CA ARG D 300 -2.24 -4.39 42.62
C ARG D 300 -1.01 -3.51 42.29
N GLY D 301 -1.19 -2.23 41.97
CA GLY D 301 -0.07 -1.29 41.86
C GLY D 301 0.06 -0.71 40.46
N ALA D 302 -0.38 0.54 40.32
CA ALA D 302 -0.42 1.23 39.02
C ALA D 302 0.94 1.40 38.30
N GLU D 303 2.03 1.35 39.05
CA GLU D 303 3.40 1.43 38.49
C GLU D 303 3.72 0.25 37.57
N LYS D 304 3.21 -0.92 37.93
CA LYS D 304 3.48 -2.13 37.15
C LYS D 304 2.79 -2.13 35.78
N LEU D 305 1.58 -1.57 35.68
CA LEU D 305 0.84 -1.50 34.39
C LEU D 305 1.50 -0.51 33.43
N ARG D 306 1.92 0.64 33.94
CA ARG D 306 2.67 1.62 33.14
C ARG D 306 4.06 1.08 32.70
N ALA D 307 4.69 0.29 33.56
CA ALA D 307 5.94 -0.39 33.25
C ALA D 307 5.83 -1.42 32.13
N ALA D 308 4.79 -2.25 32.17
CA ALA D 308 4.58 -3.29 31.15
C ALA D 308 4.14 -2.72 29.80
N GLU D 309 3.38 -1.61 29.82
CA GLU D 309 3.09 -0.87 28.60
C GLU D 309 4.40 -0.33 28.02
N ARG D 310 5.18 0.34 28.86
CA ARG D 310 6.51 0.85 28.46
C ARG D 310 7.43 -0.26 27.93
N PHE D 311 7.25 -1.49 28.43
CA PHE D 311 7.95 -2.67 27.89
C PHE D 311 7.53 -2.97 26.45
N ALA D 312 6.22 -2.97 26.20
CA ALA D 312 5.68 -3.23 24.87
C ALA D 312 6.03 -2.11 23.87
N LYS D 313 5.88 -0.85 24.32
CA LYS D 313 6.08 0.33 23.48
C LYS D 313 7.52 0.46 22.99
N GLU D 314 8.48 0.22 23.89
CA GLU D 314 9.91 0.26 23.54
C GLU D 314 10.32 -0.87 22.59
N ARG D 315 9.64 -2.02 22.68
CA ARG D 315 9.93 -3.19 21.84
C ARG D 315 9.14 -3.23 20.52
N ARG D 316 8.30 -2.22 20.24
CA ARG D 316 7.53 -2.12 18.99
C ARG D 316 6.64 -3.37 18.78
N LEU D 317 5.89 -3.74 19.82
CA LEU D 317 5.09 -4.99 19.84
C LEU D 317 3.62 -4.74 19.49
N ARG D 318 3.12 -5.48 18.49
CA ARG D 318 1.72 -5.47 18.04
C ARG D 318 1.10 -4.07 17.87
N ILE D 319 0.36 -3.60 18.87
CA ILE D 319 -0.32 -2.30 18.80
C ILE D 319 0.64 -1.11 18.76
N TRP D 320 1.93 -1.36 19.02
CA TRP D 320 3.01 -0.36 18.97
C TRP D 320 3.94 -0.43 17.76
N ARG D 321 3.64 -1.29 16.79
CA ARG D 321 4.44 -1.35 15.56
C ARG D 321 4.34 -0.03 14.82
N ASP D 322 5.32 0.27 13.98
CA ASP D 322 5.26 1.47 13.15
C ASP D 322 4.30 1.32 11.98
N TYR D 323 4.22 0.12 11.39
CA TYR D 323 3.19 -0.20 10.39
C TYR D 323 1.94 -0.80 11.03
N VAL D 324 1.18 0.07 11.68
CA VAL D 324 -0.02 -0.33 12.39
C VAL D 324 -1.24 0.25 11.64
#